data_5E6K
#
_entry.id   5E6K
#
_cell.length_a   76.609
_cell.length_b   105.448
_cell.length_c   89.332
_cell.angle_alpha   90.00
_cell.angle_beta   96.76
_cell.angle_gamma   90.00
#
_symmetry.space_group_name_H-M   'P 1 21 1'
#
loop_
_entity.id
_entity.type
_entity.pdbx_description
1 polymer 'Polyketide synthase PksL'
2 non-polymer 'SULFATE ION'
3 water water
#
_entity_poly.entity_id   1
_entity_poly.type   'polypeptide(L)'
_entity_poly.pdbx_seq_one_letter_code
;MGSSHHHHHHSSGLVPRGSSDRPEDAIAIVGMSGRYPGARNVREYWDNLVHARNAIRDIPTSRWDVDKYYDPVLNKKGKV
YCKSMGMLDDIEHFDPLFFNIPPSEAELMDPQHRIFLQEGYKAFEDAGYNARTLNEKKCGVYLGIMSNEYGVMLNRQSRA
NATGNSFAIAAARIPYFLNLKGPAIPIDTASSSSLVGTHLARQALINKEIDMALVGGVSLYLTPESYMSMCEAGMLSPDG
QCKAFDNGANGFVPGEGAGALVLKRLKDAEADRDHIYGIIIGSGINQDGKTNGITAPSAKSQMDLERDIYETYGIHPESI
SYVEMHGTGTKQGDPIELEALSTVFQEKTDKKQFCAIGSVKSNIGHTSAAAGVAGVQKVLLCMNHKTLVPTLNFTTPNEH
FEFEHSPLYVNTELKPWETADGKPRRACVSSFGYSGTNAHIVIEEYQPEKRNDRLTKQHRSALFVLSAKKEKQLKAYAEA
MKDFVTSNEDIDLEDMAYTLQTGREAMDYRMAFLADSREMLIKALDDYLAEMPNGSIFAAHVKTKKSEIKLFETDHDAKA
LLQTWIEKKRLEKVAELWVKGLQIDWNKLYGEYTPRRISLPAYPFAEEYYWLPTQEG
;
_entity_poly.pdbx_strand_id   A,B
#
loop_
_chem_comp.id
_chem_comp.type
_chem_comp.name
_chem_comp.formula
SO4 non-polymer 'SULFATE ION' 'O4 S -2'
#
# COMPACT_ATOMS: atom_id res chain seq x y z
N ASP A 25 2.66 -19.93 -1.18
CA ASP A 25 1.68 -21.05 -1.09
C ASP A 25 0.25 -20.57 -1.41
N ALA A 26 -0.75 -21.41 -1.18
CA ALA A 26 -2.06 -21.16 -1.80
C ALA A 26 -2.93 -20.32 -0.87
N ILE A 27 -3.63 -19.36 -1.44
CA ILE A 27 -4.53 -18.52 -0.67
C ILE A 27 -5.96 -18.83 -1.05
N ALA A 28 -6.76 -19.20 -0.06
CA ALA A 28 -8.19 -19.45 -0.31
C ALA A 28 -8.99 -18.17 -0.29
N ILE A 29 -9.96 -18.08 -1.20
CA ILE A 29 -11.03 -17.10 -1.10
C ILE A 29 -12.26 -17.72 -0.48
N VAL A 30 -12.59 -17.28 0.73
CA VAL A 30 -13.64 -17.89 1.56
C VAL A 30 -14.91 -17.04 1.73
N GLY A 31 -14.89 -15.85 1.14
CA GLY A 31 -16.05 -14.99 1.17
C GLY A 31 -15.94 -13.90 0.14
N MET A 32 -17.08 -13.44 -0.31
CA MET A 32 -17.17 -12.36 -1.25
C MET A 32 -18.49 -11.64 -1.17
N SER A 33 -18.47 -10.38 -1.53
CA SER A 33 -19.67 -9.60 -1.69
C SER A 33 -19.35 -8.54 -2.74
N GLY A 34 -20.37 -8.19 -3.52
CA GLY A 34 -20.19 -7.26 -4.60
C GLY A 34 -21.46 -6.50 -4.91
N ARG A 35 -21.27 -5.24 -5.25
CA ARG A 35 -22.33 -4.35 -5.68
C ARG A 35 -21.85 -3.60 -6.92
N TYR A 36 -22.47 -3.91 -8.05
CA TYR A 36 -22.02 -3.38 -9.33
C TYR A 36 -23.22 -2.89 -10.12
N PRO A 37 -23.00 -2.12 -11.19
CA PRO A 37 -24.12 -1.60 -11.96
C PRO A 37 -25.01 -2.76 -12.39
N GLY A 38 -26.30 -2.64 -12.13
CA GLY A 38 -27.26 -3.69 -12.48
C GLY A 38 -27.32 -4.87 -11.53
N ALA A 39 -26.46 -4.89 -10.52
CA ALA A 39 -26.35 -6.02 -9.61
C ALA A 39 -26.12 -5.55 -8.18
N ARG A 40 -27.10 -5.82 -7.33
CA ARG A 40 -27.06 -5.41 -5.93
C ARG A 40 -26.24 -6.40 -5.16
N ASN A 41 -26.03 -7.55 -5.78
CA ASN A 41 -25.25 -8.58 -5.14
C ASN A 41 -24.71 -9.54 -6.17
N VAL A 42 -23.95 -10.49 -5.66
CA VAL A 42 -23.09 -11.30 -6.44
C VAL A 42 -23.93 -12.37 -7.21
N ARG A 43 -25.12 -12.63 -6.69
CA ARG A 43 -26.10 -13.51 -7.36
C ARG A 43 -26.79 -12.83 -8.56
N GLU A 44 -27.22 -11.58 -8.42
CA GLU A 44 -27.69 -10.82 -9.59
C GLU A 44 -26.57 -10.65 -10.61
N TYR A 45 -25.36 -10.40 -10.10
CA TYR A 45 -24.17 -10.23 -10.96
C TYR A 45 -24.00 -11.45 -11.87
N TRP A 46 -23.95 -12.63 -11.27
CA TRP A 46 -23.86 -13.88 -12.02
C TRP A 46 -24.98 -14.00 -13.05
N ASP A 47 -26.20 -13.79 -12.58
CA ASP A 47 -27.35 -13.91 -13.47
C ASP A 47 -27.22 -12.94 -14.63
N ASN A 48 -26.73 -11.73 -14.37
CA ASN A 48 -26.51 -10.76 -15.46
C ASN A 48 -25.45 -11.20 -16.49
N LEU A 49 -24.37 -11.77 -16.00
CA LEU A 49 -23.30 -12.21 -16.89
C LEU A 49 -23.74 -13.40 -17.74
N VAL A 50 -24.41 -14.36 -17.11
CA VAL A 50 -24.92 -15.50 -17.86
C VAL A 50 -25.82 -15.07 -19.02
N HIS A 51 -26.62 -14.02 -18.80
CA HIS A 51 -27.55 -13.54 -19.82
C HIS A 51 -26.97 -12.41 -20.64
N ALA A 52 -25.66 -12.20 -20.54
CA ALA A 52 -25.01 -11.15 -21.32
C ALA A 52 -25.64 -9.76 -21.16
N ARG A 53 -26.05 -9.41 -19.95
CA ARG A 53 -26.65 -8.08 -19.79
C ARG A 53 -25.59 -6.98 -19.77
N ASN A 54 -25.92 -5.89 -20.45
CA ASN A 54 -25.10 -4.70 -20.41
C ASN A 54 -25.82 -3.69 -19.52
N ALA A 55 -25.19 -3.30 -18.42
CA ALA A 55 -25.83 -2.46 -17.42
C ALA A 55 -25.53 -0.99 -17.62
N ILE A 56 -24.83 -0.64 -18.68
CA ILE A 56 -24.44 0.75 -18.89
C ILE A 56 -25.69 1.53 -19.30
N ARG A 57 -25.84 2.73 -18.74
CA ARG A 57 -27.00 3.58 -18.99
C ARG A 57 -26.56 4.99 -19.28
N ASP A 58 -27.48 5.77 -19.85
CA ASP A 58 -27.34 7.22 -19.91
C ASP A 58 -27.37 7.81 -18.51
N ILE A 59 -26.48 8.75 -18.28
CA ILE A 59 -26.42 9.47 -17.04
C ILE A 59 -27.65 10.36 -16.90
N PRO A 60 -28.39 10.22 -15.79
CA PRO A 60 -29.60 11.03 -15.62
C PRO A 60 -29.33 12.33 -14.88
N THR A 61 -30.33 13.20 -14.83
CA THR A 61 -30.19 14.54 -14.23
C THR A 61 -29.97 14.44 -12.73
N SER A 62 -30.63 13.46 -12.11
CA SER A 62 -30.49 13.22 -10.67
C SER A 62 -29.03 13.21 -10.22
N ARG A 63 -28.12 12.80 -11.10
CA ARG A 63 -26.68 12.95 -10.84
C ARG A 63 -26.19 14.32 -11.25
N TRP A 64 -26.32 14.60 -12.54
CA TRP A 64 -26.04 15.91 -13.11
C TRP A 64 -26.56 16.02 -14.54
N ASP A 65 -26.44 17.21 -15.11
CA ASP A 65 -26.86 17.48 -16.49
C ASP A 65 -25.65 17.30 -17.42
N VAL A 66 -25.66 16.21 -18.18
CA VAL A 66 -24.57 15.96 -19.13
C VAL A 66 -24.48 17.07 -20.18
N ASP A 67 -25.61 17.64 -20.57
CA ASP A 67 -25.65 18.68 -21.61
C ASP A 67 -24.87 19.94 -21.23
N LYS A 68 -24.76 20.21 -19.93
CA LYS A 68 -23.91 21.31 -19.44
C LYS A 68 -22.42 20.94 -19.30
N TYR A 69 -22.00 19.83 -19.88
CA TYR A 69 -20.60 19.41 -19.82
C TYR A 69 -20.19 18.66 -21.09
N CYS A 82 -17.82 10.96 -22.61
CA CYS A 82 -19.13 10.76 -23.24
C CYS A 82 -20.32 10.87 -22.25
N LYS A 83 -21.41 10.15 -22.50
CA LYS A 83 -22.70 10.45 -21.82
C LYS A 83 -23.28 9.28 -21.02
N SER A 84 -22.58 8.17 -20.99
CA SER A 84 -23.09 6.99 -20.30
C SER A 84 -22.10 6.51 -19.26
N MET A 85 -22.59 5.68 -18.35
CA MET A 85 -21.84 5.26 -17.19
C MET A 85 -22.46 3.97 -16.67
N GLY A 86 -21.60 3.12 -16.12
CA GLY A 86 -22.08 2.03 -15.27
C GLY A 86 -22.27 2.57 -13.88
N MET A 87 -23.49 2.67 -13.48
CA MET A 87 -23.79 3.27 -12.25
C MET A 87 -24.42 2.41 -11.22
N LEU A 88 -24.05 2.68 -10.00
CA LEU A 88 -24.74 2.08 -8.87
C LEU A 88 -26.00 2.86 -8.59
N ASP A 89 -26.99 2.21 -7.97
CA ASP A 89 -28.21 2.90 -7.52
C ASP A 89 -28.15 3.18 -6.03
N ASP A 90 -28.91 4.16 -5.57
CA ASP A 90 -29.09 4.40 -4.13
C ASP A 90 -27.76 4.56 -3.42
N ILE A 91 -26.86 5.32 -4.03
CA ILE A 91 -25.53 5.50 -3.46
C ILE A 91 -25.55 6.29 -2.16
N GLU A 92 -26.70 6.88 -1.85
CA GLU A 92 -26.87 7.70 -0.64
C GLU A 92 -27.32 6.88 0.55
N HIS A 93 -27.71 5.63 0.32
CA HIS A 93 -28.33 4.79 1.34
C HIS A 93 -27.27 4.19 2.26
N PHE A 94 -27.58 4.13 3.55
CA PHE A 94 -26.63 3.69 4.58
C PHE A 94 -27.39 3.39 5.87
N ASP A 95 -26.86 2.45 6.64
CA ASP A 95 -27.46 2.02 7.91
C ASP A 95 -26.48 2.37 9.04
N PRO A 96 -26.40 3.67 9.39
CA PRO A 96 -25.38 4.17 10.31
C PRO A 96 -25.50 3.57 11.71
N LEU A 97 -26.73 3.35 12.15
CA LEU A 97 -26.98 2.75 13.46
C LEU A 97 -26.38 1.36 13.58
N PHE A 98 -26.53 0.54 12.54
CA PHE A 98 -25.92 -0.78 12.53
C PHE A 98 -24.45 -0.68 12.94
N PHE A 99 -23.79 0.35 12.43
CA PHE A 99 -22.36 0.54 12.64
C PHE A 99 -22.01 1.47 13.81
N ASN A 100 -22.99 1.75 14.68
CA ASN A 100 -22.78 2.64 15.83
C ASN A 100 -22.28 4.01 15.42
N ILE A 101 -22.76 4.50 14.28
CA ILE A 101 -22.44 5.84 13.81
C ILE A 101 -23.71 6.70 13.88
N PRO A 102 -23.63 7.88 14.50
CA PRO A 102 -24.74 8.83 14.53
C PRO A 102 -25.21 9.21 13.14
N PRO A 103 -26.54 9.34 12.96
CA PRO A 103 -27.06 9.76 11.68
C PRO A 103 -26.44 11.03 11.12
N SER A 104 -26.19 12.01 11.99
CA SER A 104 -25.62 13.28 11.55
C SER A 104 -24.22 13.11 10.98
N GLU A 105 -23.45 12.16 11.52
CA GLU A 105 -22.12 11.89 10.97
C GLU A 105 -22.20 11.19 9.59
N ALA A 106 -23.22 10.37 9.36
CA ALA A 106 -23.42 9.72 8.06
C ALA A 106 -23.45 10.70 6.91
N GLU A 107 -24.11 11.83 7.14
CA GLU A 107 -24.23 12.86 6.11
C GLU A 107 -22.86 13.38 5.73
N LEU A 108 -21.97 13.43 6.71
CA LEU A 108 -20.60 13.86 6.50
C LEU A 108 -19.68 12.76 5.92
N MET A 109 -20.15 11.54 5.86
CA MET A 109 -19.34 10.49 5.32
C MET A 109 -19.39 10.33 3.81
N ASP A 110 -18.26 10.33 3.16
CA ASP A 110 -18.16 9.96 1.76
C ASP A 110 -18.95 8.69 1.52
N PRO A 111 -19.78 8.66 0.48
CA PRO A 111 -20.58 7.46 0.25
C PRO A 111 -19.74 6.24 -0.15
N GLN A 112 -18.55 6.48 -0.67
CA GLN A 112 -17.63 5.40 -0.97
C GLN A 112 -17.29 4.65 0.32
N HIS A 113 -17.13 5.39 1.40
CA HIS A 113 -16.77 4.78 2.70
C HIS A 113 -17.95 3.97 3.23
N ARG A 114 -19.12 4.59 3.16
CA ARG A 114 -20.36 3.95 3.56
C ARG A 114 -20.65 2.64 2.83
N ILE A 115 -20.55 2.67 1.51
CA ILE A 115 -20.86 1.50 0.71
C ILE A 115 -19.82 0.40 0.94
N PHE A 116 -18.56 0.76 1.07
CA PHE A 116 -17.57 -0.28 1.36
C PHE A 116 -17.75 -0.89 2.74
N LEU A 117 -18.06 -0.09 3.75
CA LEU A 117 -18.34 -0.64 5.09
C LEU A 117 -19.38 -1.74 4.95
N GLN A 118 -20.43 -1.43 4.22
CA GLN A 118 -21.52 -2.37 4.01
C GLN A 118 -21.05 -3.63 3.26
N GLU A 119 -20.42 -3.46 2.11
CA GLU A 119 -20.02 -4.65 1.32
C GLU A 119 -18.91 -5.44 2.03
N GLY A 120 -17.94 -4.75 2.59
CA GLY A 120 -16.86 -5.43 3.30
C GLY A 120 -17.44 -6.27 4.41
N TYR A 121 -18.36 -5.67 5.17
CA TYR A 121 -19.03 -6.38 6.24
C TYR A 121 -19.74 -7.61 5.68
N LYS A 122 -20.44 -7.45 4.58
CA LYS A 122 -21.23 -8.55 4.05
C LYS A 122 -20.35 -9.69 3.56
N ALA A 123 -19.16 -9.38 3.08
CA ALA A 123 -18.24 -10.40 2.63
C ALA A 123 -17.85 -11.32 3.79
N PHE A 124 -17.67 -10.72 4.98
CA PHE A 124 -17.41 -11.52 6.17
C PHE A 124 -18.57 -12.46 6.47
N GLU A 125 -19.80 -11.95 6.36
CA GLU A 125 -20.96 -12.79 6.62
C GLU A 125 -21.10 -13.85 5.53
N ASP A 126 -20.81 -13.48 4.29
CA ASP A 126 -20.80 -14.44 3.21
C ASP A 126 -19.87 -15.63 3.57
N ALA A 127 -18.70 -15.34 4.13
CA ALA A 127 -17.78 -16.38 4.59
C ALA A 127 -18.24 -17.16 5.82
N GLY A 128 -19.24 -16.63 6.52
CA GLY A 128 -19.75 -17.23 7.75
C GLY A 128 -19.02 -16.79 9.00
N TYR A 129 -18.49 -15.57 8.99
CA TYR A 129 -17.84 -14.95 10.14
C TYR A 129 -18.69 -13.77 10.65
N ASN A 130 -18.67 -13.53 11.97
CA ASN A 130 -19.44 -12.44 12.60
C ASN A 130 -18.57 -11.67 13.61
N ALA A 131 -19.12 -10.61 14.22
CA ALA A 131 -18.37 -9.79 15.19
C ALA A 131 -17.70 -10.66 16.24
N ARG A 132 -18.44 -11.62 16.78
CA ARG A 132 -17.89 -12.46 17.84
C ARG A 132 -16.65 -13.22 17.37
N THR A 133 -16.71 -13.83 16.22
CA THR A 133 -15.58 -14.60 15.79
C THR A 133 -14.49 -13.78 15.11
N LEU A 134 -14.76 -12.53 14.79
CA LEU A 134 -13.76 -11.64 14.19
C LEU A 134 -13.04 -10.76 15.22
N ASN A 135 -13.65 -10.61 16.39
CA ASN A 135 -13.10 -9.78 17.44
C ASN A 135 -11.64 -10.14 17.70
N GLU A 136 -10.77 -9.16 17.56
CA GLU A 136 -9.32 -9.32 17.74
C GLU A 136 -8.58 -10.22 16.75
N LYS A 137 -9.21 -10.68 15.69
CA LYS A 137 -8.47 -11.37 14.64
C LYS A 137 -7.42 -10.47 14.00
N LYS A 138 -6.28 -11.06 13.65
CA LYS A 138 -5.31 -10.37 12.81
C LYS A 138 -5.77 -10.44 11.38
N CYS A 139 -6.84 -9.72 11.10
CA CYS A 139 -7.33 -9.59 9.76
C CYS A 139 -6.85 -8.25 9.25
N GLY A 140 -6.07 -8.24 8.17
CA GLY A 140 -5.70 -6.97 7.54
C GLY A 140 -6.77 -6.54 6.55
N VAL A 141 -6.83 -5.24 6.28
CA VAL A 141 -7.76 -4.68 5.33
C VAL A 141 -7.02 -3.86 4.28
N TYR A 142 -7.22 -4.22 3.01
CA TYR A 142 -6.55 -3.57 1.90
C TYR A 142 -7.61 -3.05 0.93
N LEU A 143 -7.76 -1.73 0.91
CA LEU A 143 -8.90 -1.11 0.24
C LEU A 143 -8.45 -0.25 -0.92
N GLY A 144 -8.79 -0.69 -2.11
CA GLY A 144 -8.48 0.07 -3.32
C GLY A 144 -9.43 1.26 -3.38
N ILE A 145 -8.89 2.46 -3.51
CA ILE A 145 -9.74 3.67 -3.57
C ILE A 145 -8.94 4.82 -4.18
N MET A 146 -9.56 5.59 -5.06
CA MET A 146 -8.78 6.49 -5.93
C MET A 146 -9.36 7.89 -6.10
N SER A 147 -10.44 8.21 -5.39
CA SER A 147 -11.03 9.54 -5.50
C SER A 147 -11.75 10.07 -4.27
N ASN A 148 -11.54 11.35 -4.01
CA ASN A 148 -11.98 11.97 -2.78
C ASN A 148 -12.70 13.25 -3.20
N GLU A 149 -13.99 13.11 -3.52
CA GLU A 149 -14.81 14.16 -4.18
C GLU A 149 -15.82 14.72 -3.17
N TYR A 150 -16.36 13.82 -2.35
CA TYR A 150 -17.46 14.18 -1.46
C TYR A 150 -16.94 15.14 -0.42
N GLY A 151 -15.76 14.84 0.12
CA GLY A 151 -15.07 15.69 1.09
C GLY A 151 -14.87 17.11 0.57
N VAL A 152 -14.54 17.22 -0.72
CA VAL A 152 -14.43 18.52 -1.39
C VAL A 152 -15.78 19.21 -1.38
N MET A 153 -16.80 18.51 -1.88
CA MET A 153 -18.18 19.00 -1.89
C MET A 153 -18.64 19.59 -0.56
N LEU A 154 -18.15 19.03 0.56
CA LEU A 154 -18.51 19.54 1.90
C LEU A 154 -18.08 20.98 2.21
N GLY A 164 -11.98 12.89 8.67
CA GLY A 164 -13.05 11.92 8.42
C GLY A 164 -13.04 11.26 7.05
N ASN A 165 -12.74 11.98 5.97
CA ASN A 165 -12.85 11.38 4.62
C ASN A 165 -11.56 11.04 3.88
N SER A 166 -10.48 10.89 4.62
CA SER A 166 -9.23 10.40 4.09
C SER A 166 -9.33 8.94 3.62
N PHE A 167 -8.51 8.60 2.65
CA PHE A 167 -8.26 7.21 2.30
C PHE A 167 -7.94 6.35 3.54
N ALA A 168 -7.07 6.86 4.39
CA ALA A 168 -6.68 6.20 5.65
C ALA A 168 -7.89 5.77 6.47
N ILE A 169 -8.82 6.69 6.67
CA ILE A 169 -10.00 6.42 7.49
C ILE A 169 -10.93 5.46 6.78
N ALA A 170 -11.04 5.59 5.47
CA ALA A 170 -11.81 4.63 4.68
C ALA A 170 -11.40 3.18 4.93
N ALA A 171 -10.09 2.94 4.86
CA ALA A 171 -9.57 1.61 5.05
C ALA A 171 -9.87 1.12 6.47
N ALA A 172 -9.88 2.06 7.41
CA ALA A 172 -9.88 1.71 8.83
C ALA A 172 -11.27 1.57 9.45
N ARG A 173 -12.34 1.94 8.75
CA ARG A 173 -13.67 1.89 9.37
C ARG A 173 -14.10 0.47 9.76
N ILE A 174 -13.78 -0.48 8.90
CA ILE A 174 -14.08 -1.88 9.19
C ILE A 174 -13.32 -2.42 10.40
N PRO A 175 -12.00 -2.15 10.46
CA PRO A 175 -11.25 -2.64 11.62
C PRO A 175 -11.71 -2.01 12.92
N TYR A 176 -12.09 -0.75 12.87
CA TYR A 176 -12.55 -0.02 14.06
C TYR A 176 -13.88 -0.58 14.55
N PHE A 177 -14.80 -0.79 13.60
CA PHE A 177 -16.09 -1.38 13.91
C PHE A 177 -15.95 -2.80 14.45
N LEU A 178 -15.13 -3.63 13.83
CA LEU A 178 -15.09 -5.05 14.19
C LEU A 178 -13.91 -5.40 15.08
N ASN A 179 -13.08 -4.43 15.40
CA ASN A 179 -11.92 -4.67 16.27
C ASN A 179 -10.94 -5.69 15.68
N LEU A 180 -10.64 -5.51 14.40
CA LEU A 180 -9.62 -6.28 13.72
C LEU A 180 -8.26 -5.66 14.03
N LYS A 181 -7.20 -6.47 13.97
CA LYS A 181 -5.85 -6.08 14.40
C LYS A 181 -4.77 -6.12 13.32
N GLY A 182 -5.12 -6.52 12.10
CA GLY A 182 -4.15 -6.49 11.02
C GLY A 182 -4.07 -5.07 10.50
N PRO A 183 -3.00 -4.74 9.80
CA PRO A 183 -2.91 -3.39 9.25
C PRO A 183 -4.13 -3.04 8.41
N ALA A 184 -4.48 -1.76 8.36
CA ALA A 184 -5.53 -1.32 7.48
C ALA A 184 -4.97 -0.25 6.57
N ILE A 185 -4.96 -0.54 5.27
CA ILE A 185 -4.20 0.25 4.30
C ILE A 185 -5.05 0.51 3.07
N PRO A 186 -5.31 1.79 2.75
CA PRO A 186 -5.86 2.07 1.46
C PRO A 186 -4.78 1.98 0.38
N ILE A 187 -5.21 1.61 -0.82
CA ILE A 187 -4.34 1.54 -1.98
C ILE A 187 -4.89 2.36 -3.13
N ASP A 188 -4.12 3.33 -3.58
CA ASP A 188 -4.44 4.09 -4.78
C ASP A 188 -3.37 3.92 -5.84
N THR A 189 -3.57 2.94 -6.70
CA THR A 189 -2.84 2.83 -7.94
C THR A 189 -3.84 2.97 -9.10
N ALA A 190 -4.79 3.88 -8.94
CA ALA A 190 -5.85 4.04 -9.93
C ALA A 190 -6.52 2.69 -10.15
N SER A 191 -6.71 2.28 -11.39
CA SER A 191 -7.55 1.10 -11.69
C SER A 191 -6.98 -0.24 -11.27
N SER A 192 -5.70 -0.30 -10.95
CA SER A 192 -5.12 -1.57 -10.55
C SER A 192 -5.26 -1.76 -9.05
N SER A 193 -5.87 -0.78 -8.37
CA SER A 193 -5.83 -0.68 -6.89
C SER A 193 -6.27 -1.94 -6.16
N SER A 194 -7.48 -2.41 -6.42
CA SER A 194 -7.97 -3.56 -5.68
C SER A 194 -7.14 -4.81 -5.97
N LEU A 195 -6.56 -4.92 -7.16
CA LEU A 195 -5.76 -6.11 -7.47
C LEU A 195 -4.36 -5.98 -6.86
N VAL A 196 -3.84 -4.76 -6.77
CA VAL A 196 -2.60 -4.54 -6.05
C VAL A 196 -2.80 -4.88 -4.57
N GLY A 197 -3.93 -4.46 -4.01
CA GLY A 197 -4.30 -4.81 -2.63
C GLY A 197 -4.33 -6.32 -2.43
N THR A 198 -4.84 -7.02 -3.43
CA THR A 198 -4.93 -8.47 -3.37
C THR A 198 -3.53 -9.07 -3.24
N HIS A 199 -2.59 -8.54 -4.01
CA HIS A 199 -1.22 -9.04 -3.97
C HIS A 199 -0.62 -8.79 -2.59
N LEU A 200 -0.84 -7.61 -2.03
CA LEU A 200 -0.26 -7.31 -0.73
C LEU A 200 -0.86 -8.19 0.36
N ALA A 201 -2.17 -8.42 0.30
CA ALA A 201 -2.81 -9.33 1.26
C ALA A 201 -2.24 -10.74 1.20
N ARG A 202 -2.10 -11.25 -0.01
CA ARG A 202 -1.52 -12.56 -0.27
C ARG A 202 -0.14 -12.69 0.36
N GLN A 203 0.73 -11.75 0.10
CA GLN A 203 2.06 -11.77 0.67
C GLN A 203 2.09 -11.74 2.18
N ALA A 204 1.21 -10.97 2.79
CA ALA A 204 1.18 -10.89 4.23
C ALA A 204 0.66 -12.19 4.85
N LEU A 205 -0.31 -12.82 4.19
CA LEU A 205 -0.80 -14.13 4.65
C LEU A 205 0.29 -15.17 4.57
N ILE A 206 1.00 -15.20 3.44
CA ILE A 206 2.03 -16.21 3.22
C ILE A 206 3.15 -16.07 4.23
N ASN A 207 3.55 -14.83 4.49
CA ASN A 207 4.50 -14.51 5.56
C ASN A 207 4.03 -14.71 6.99
N LYS A 208 2.74 -14.93 7.20
CA LYS A 208 2.20 -15.13 8.56
C LYS A 208 2.11 -13.87 9.41
N GLU A 209 2.10 -12.72 8.75
CA GLU A 209 1.93 -11.46 9.44
C GLU A 209 0.46 -11.22 9.79
N ILE A 210 -0.44 -11.79 9.00
CA ILE A 210 -1.87 -11.76 9.28
C ILE A 210 -2.43 -13.18 9.11
N ASP A 211 -3.64 -13.42 9.63
CA ASP A 211 -4.29 -14.74 9.51
C ASP A 211 -5.55 -14.67 8.65
N MET A 212 -5.90 -13.46 8.22
CA MET A 212 -7.06 -13.24 7.36
C MET A 212 -6.89 -11.87 6.67
N ALA A 213 -7.45 -11.72 5.48
CA ALA A 213 -7.51 -10.40 4.87
C ALA A 213 -8.86 -10.11 4.29
N LEU A 214 -9.27 -8.86 4.38
CA LEU A 214 -10.36 -8.34 3.60
C LEU A 214 -9.76 -7.41 2.56
N VAL A 215 -9.92 -7.76 1.29
CA VAL A 215 -9.41 -6.92 0.22
C VAL A 215 -10.62 -6.42 -0.56
N GLY A 216 -10.57 -5.17 -0.96
CA GLY A 216 -11.68 -4.65 -1.72
C GLY A 216 -11.35 -3.47 -2.58
N GLY A 217 -12.41 -2.94 -3.18
CA GLY A 217 -12.30 -1.75 -3.96
C GLY A 217 -13.63 -1.04 -4.03
N VAL A 218 -13.57 0.28 -4.21
CA VAL A 218 -14.78 1.06 -4.34
C VAL A 218 -14.52 2.23 -5.27
N SER A 219 -15.46 2.47 -6.19
CA SER A 219 -15.40 3.67 -7.05
C SER A 219 -16.79 4.22 -7.34
N LEU A 220 -16.94 5.53 -7.17
CA LEU A 220 -18.11 6.29 -7.59
C LEU A 220 -17.63 7.52 -8.31
N TYR A 221 -18.45 8.04 -9.22
CA TYR A 221 -18.19 9.32 -9.88
C TYR A 221 -19.22 10.32 -9.45
N LEU A 222 -18.89 11.11 -8.44
CA LEU A 222 -19.85 12.02 -7.83
C LEU A 222 -19.93 13.38 -8.52
N THR A 223 -18.91 13.72 -9.29
CA THR A 223 -18.93 14.97 -10.06
C THR A 223 -18.61 14.71 -11.52
N PRO A 224 -19.12 15.57 -12.43
CA PRO A 224 -18.80 15.55 -13.86
C PRO A 224 -17.31 15.64 -14.15
N GLU A 225 -16.60 16.36 -13.31
CA GLU A 225 -15.16 16.55 -13.46
C GLU A 225 -14.40 15.23 -13.39
N SER A 226 -14.69 14.42 -12.38
CA SER A 226 -13.94 13.18 -12.19
C SER A 226 -14.33 12.14 -13.21
N TYR A 227 -15.59 12.13 -13.61
CA TYR A 227 -16.03 11.33 -14.74
C TYR A 227 -15.25 11.66 -16.01
N MET A 228 -15.22 12.93 -16.39
CA MET A 228 -14.53 13.35 -17.63
C MET A 228 -13.03 13.01 -17.63
N SER A 229 -12.33 13.39 -16.57
CA SER A 229 -10.93 13.00 -16.44
C SER A 229 -10.70 11.50 -16.61
N MET A 230 -11.45 10.67 -15.91
CA MET A 230 -11.21 9.23 -15.93
C MET A 230 -11.39 8.71 -17.30
N CYS A 231 -12.29 9.38 -17.93
CA CYS A 231 -12.74 9.06 -19.26
C CYS A 231 -11.64 9.27 -20.30
N GLU A 232 -10.84 10.33 -20.20
CA GLU A 232 -9.49 10.29 -20.74
C GLU A 232 -8.61 9.36 -19.93
N VAL A 253 -15.91 3.94 -21.15
CA VAL A 253 -17.09 4.12 -20.29
C VAL A 253 -16.83 3.89 -18.80
N PRO A 254 -16.73 4.98 -18.02
CA PRO A 254 -16.43 4.79 -16.59
C PRO A 254 -17.50 3.98 -15.86
N GLY A 255 -17.05 3.14 -14.92
CA GLY A 255 -17.96 2.31 -14.12
C GLY A 255 -17.80 2.56 -12.63
N GLU A 256 -18.91 2.40 -11.91
CA GLU A 256 -18.92 2.45 -10.44
C GLU A 256 -18.97 1.03 -9.88
N GLY A 257 -18.56 0.87 -8.63
CA GLY A 257 -18.77 -0.41 -7.96
C GLY A 257 -18.12 -0.48 -6.61
N ALA A 258 -18.37 -1.58 -5.93
CA ALA A 258 -17.80 -1.83 -4.63
C ALA A 258 -17.85 -3.33 -4.37
N GLY A 259 -16.69 -3.89 -4.04
CA GLY A 259 -16.60 -5.30 -3.81
C GLY A 259 -15.52 -5.65 -2.81
N ALA A 260 -15.68 -6.81 -2.19
CA ALA A 260 -14.72 -7.31 -1.24
C ALA A 260 -14.56 -8.81 -1.35
N LEU A 261 -13.38 -9.27 -0.97
CA LEU A 261 -13.06 -10.67 -0.85
C LEU A 261 -12.46 -10.92 0.54
N VAL A 262 -12.72 -12.10 1.10
CA VAL A 262 -12.06 -12.55 2.31
C VAL A 262 -11.07 -13.64 1.93
N LEU A 263 -9.81 -13.44 2.33
CA LEU A 263 -8.72 -14.38 2.06
C LEU A 263 -8.13 -14.98 3.34
N LYS A 264 -7.76 -16.26 3.26
CA LYS A 264 -7.02 -16.97 4.32
C LYS A 264 -6.00 -17.90 3.65
N ARG A 265 -4.98 -18.32 4.37
CA ARG A 265 -4.13 -19.40 3.86
C ARG A 265 -5.00 -20.61 3.62
N LEU A 266 -4.68 -21.38 2.60
CA LEU A 266 -5.50 -22.54 2.28
C LEU A 266 -5.58 -23.55 3.44
N LYS A 267 -4.45 -23.86 4.02
CA LYS A 267 -4.44 -24.82 5.12
C LYS A 267 -5.34 -24.40 6.31
N ASP A 268 -5.40 -23.10 6.63
CA ASP A 268 -6.32 -22.65 7.71
C ASP A 268 -7.77 -22.76 7.28
N ALA A 269 -8.04 -22.43 6.03
CA ALA A 269 -9.40 -22.55 5.50
C ALA A 269 -9.94 -24.00 5.56
N GLU A 270 -9.09 -24.97 5.25
CA GLU A 270 -9.45 -26.37 5.30
C GLU A 270 -9.66 -26.85 6.73
N ALA A 271 -8.74 -26.50 7.62
CA ALA A 271 -8.87 -26.83 9.04
C ALA A 271 -10.10 -26.21 9.70
N ASP A 272 -10.42 -24.97 9.37
CA ASP A 272 -11.57 -24.32 9.97
C ASP A 272 -12.87 -24.66 9.25
N ARG A 273 -12.78 -25.34 8.10
CA ARG A 273 -13.98 -25.83 7.40
C ARG A 273 -14.75 -24.69 6.72
N ASP A 274 -14.01 -23.70 6.25
CA ASP A 274 -14.57 -22.59 5.48
C ASP A 274 -15.06 -23.09 4.14
N HIS A 275 -15.98 -22.39 3.51
CA HIS A 275 -16.29 -22.72 2.14
C HIS A 275 -15.42 -21.88 1.23
N ILE A 276 -14.91 -22.51 0.19
CA ILE A 276 -13.73 -22.02 -0.53
C ILE A 276 -14.11 -21.91 -1.98
N TYR A 277 -14.15 -20.68 -2.47
CA TYR A 277 -14.61 -20.40 -3.82
C TYR A 277 -13.54 -20.75 -4.84
N GLY A 278 -12.30 -20.67 -4.39
CA GLY A 278 -11.17 -20.79 -5.30
C GLY A 278 -9.90 -20.45 -4.55
N ILE A 279 -8.80 -20.58 -5.27
CA ILE A 279 -7.49 -20.47 -4.68
C ILE A 279 -6.64 -19.56 -5.55
N ILE A 280 -5.91 -18.66 -4.92
CA ILE A 280 -4.93 -17.86 -5.65
C ILE A 280 -3.59 -18.57 -5.62
N ILE A 281 -3.03 -18.78 -6.79
CA ILE A 281 -1.91 -19.68 -6.99
C ILE A 281 -0.66 -18.89 -7.43
N GLY A 282 -0.88 -17.64 -7.80
CA GLY A 282 0.24 -16.73 -8.07
C GLY A 282 -0.24 -15.30 -8.18
N SER A 283 0.64 -14.36 -7.90
CA SER A 283 0.36 -12.98 -8.21
C SER A 283 1.66 -12.22 -8.28
N GLY A 284 1.59 -11.06 -8.93
CA GLY A 284 2.67 -10.12 -8.96
C GLY A 284 2.19 -8.74 -9.37
N ILE A 285 3.06 -7.76 -9.11
CA ILE A 285 2.82 -6.38 -9.47
C ILE A 285 4.12 -5.76 -9.98
N ASN A 286 4.03 -4.77 -10.85
CA ASN A 286 5.21 -4.08 -11.32
C ASN A 286 4.73 -2.76 -11.89
N GLN A 287 5.54 -2.13 -12.79
CA GLN A 287 5.49 -0.73 -13.22
C GLN A 287 6.00 -0.72 -14.66
N ASP A 288 5.24 0.04 -15.44
CA ASP A 288 5.53 0.40 -16.81
C ASP A 288 6.86 1.11 -16.92
N GLY A 289 7.15 1.96 -15.95
CA GLY A 289 8.33 2.82 -16.01
C GLY A 289 8.17 3.89 -17.08
N LYS A 290 9.19 4.11 -17.89
CA LYS A 290 9.11 5.17 -18.89
C LYS A 290 8.31 4.72 -20.11
N THR A 291 7.20 5.40 -20.33
CA THR A 291 6.37 5.17 -21.49
C THR A 291 6.15 6.52 -22.18
N ASN A 292 5.49 6.48 -23.33
CA ASN A 292 5.21 7.70 -24.09
C ASN A 292 3.97 8.37 -23.54
N GLY A 293 4.14 9.13 -22.46
CA GLY A 293 3.00 9.55 -21.64
C GLY A 293 2.65 8.54 -20.55
N ILE A 294 2.28 9.05 -19.38
CA ILE A 294 2.19 8.23 -18.16
C ILE A 294 1.01 7.25 -18.23
N THR A 295 0.03 7.56 -19.07
CA THR A 295 -1.20 6.75 -19.19
C THR A 295 -1.05 5.65 -20.26
N ALA A 296 0.07 5.67 -20.98
CA ALA A 296 0.30 4.69 -22.02
C ALA A 296 0.97 3.44 -21.41
N PRO A 297 0.65 2.24 -21.91
CA PRO A 297 1.17 1.02 -21.31
C PRO A 297 2.55 0.63 -21.84
N SER A 298 3.18 -0.31 -21.15
CA SER A 298 4.46 -0.87 -21.59
C SER A 298 4.29 -2.35 -21.90
N ALA A 299 4.54 -2.68 -23.16
CA ALA A 299 4.37 -4.05 -23.62
C ALA A 299 5.34 -4.93 -22.88
N LYS A 300 6.55 -4.42 -22.69
CA LYS A 300 7.59 -5.17 -22.01
C LYS A 300 7.25 -5.41 -20.53
N SER A 301 6.76 -4.38 -19.86
CA SER A 301 6.42 -4.53 -18.45
C SER A 301 5.33 -5.57 -18.26
N GLN A 302 4.38 -5.62 -19.19
CA GLN A 302 3.27 -6.58 -19.09
C GLN A 302 3.77 -8.02 -19.26
N MET A 303 4.58 -8.23 -20.30
CA MET A 303 5.24 -9.53 -20.53
C MET A 303 6.13 -9.96 -19.35
N ASP A 304 7.03 -9.08 -18.90
CA ASP A 304 7.84 -9.36 -17.71
C ASP A 304 6.98 -9.75 -16.50
N LEU A 305 5.89 -9.03 -16.28
CA LEU A 305 4.98 -9.32 -15.17
C LEU A 305 4.44 -10.73 -15.25
N GLU A 306 3.93 -11.07 -16.42
CA GLU A 306 3.20 -12.31 -16.61
C GLU A 306 4.21 -13.45 -16.56
N ARG A 307 5.28 -13.31 -17.33
CA ARG A 307 6.37 -14.30 -17.34
C ARG A 307 6.93 -14.53 -15.95
N ASP A 308 7.29 -13.47 -15.23
CA ASP A 308 7.87 -13.63 -13.89
C ASP A 308 6.95 -14.40 -12.94
N ILE A 309 5.64 -14.15 -13.01
CA ILE A 309 4.68 -14.90 -12.20
C ILE A 309 4.61 -16.39 -12.58
N TYR A 310 4.51 -16.67 -13.87
CA TYR A 310 4.36 -18.06 -14.30
C TYR A 310 5.62 -18.87 -13.93
N GLU A 311 6.78 -18.26 -14.16
CA GLU A 311 8.08 -18.88 -13.80
C GLU A 311 8.19 -19.06 -12.30
N THR A 312 8.02 -17.98 -11.53
CA THR A 312 8.21 -18.05 -10.08
C THR A 312 7.38 -19.16 -9.46
N TYR A 313 6.11 -19.26 -9.87
CA TYR A 313 5.18 -20.18 -9.23
C TYR A 313 4.95 -21.45 -10.02
N GLY A 314 5.78 -21.69 -11.03
CA GLY A 314 5.68 -22.91 -11.83
C GLY A 314 4.31 -23.13 -12.47
N ILE A 315 3.77 -22.13 -13.15
CA ILE A 315 2.46 -22.28 -13.82
C ILE A 315 2.68 -22.39 -15.31
N HIS A 316 2.26 -23.49 -15.93
CA HIS A 316 2.40 -23.58 -17.38
C HIS A 316 1.23 -22.91 -18.05
N PRO A 317 1.50 -22.06 -19.04
CA PRO A 317 0.43 -21.32 -19.73
C PRO A 317 -0.66 -22.18 -20.37
N GLU A 318 -0.31 -23.39 -20.79
CA GLU A 318 -1.28 -24.36 -21.31
C GLU A 318 -2.30 -24.75 -20.30
N SER A 319 -1.99 -24.64 -19.00
CA SER A 319 -2.97 -24.94 -17.95
C SER A 319 -4.03 -23.86 -17.78
N ILE A 320 -3.83 -22.72 -18.43
CA ILE A 320 -4.73 -21.57 -18.29
C ILE A 320 -5.75 -21.55 -19.44
N SER A 321 -7.03 -21.53 -19.11
CA SER A 321 -8.10 -21.56 -20.10
C SER A 321 -9.00 -20.31 -20.14
N TYR A 322 -8.82 -19.38 -19.21
CA TYR A 322 -9.49 -18.06 -19.33
C TYR A 322 -8.64 -16.95 -18.73
N VAL A 323 -8.67 -15.78 -19.36
CA VAL A 323 -8.04 -14.61 -18.81
C VAL A 323 -9.00 -13.44 -18.85
N GLU A 324 -9.22 -12.87 -17.68
CA GLU A 324 -10.03 -11.69 -17.56
C GLU A 324 -9.11 -10.52 -17.82
N MET A 325 -9.26 -9.91 -18.98
CA MET A 325 -8.37 -8.82 -19.42
C MET A 325 -8.60 -7.53 -18.65
N HIS A 326 -7.59 -6.68 -18.64
CA HIS A 326 -7.73 -5.31 -18.21
C HIS A 326 -8.64 -4.56 -19.15
N GLY A 327 -8.42 -4.74 -20.44
CA GLY A 327 -9.05 -3.89 -21.44
C GLY A 327 -10.20 -4.64 -22.05
N THR A 328 -11.08 -3.93 -22.75
CA THR A 328 -12.25 -4.56 -23.39
C THR A 328 -11.86 -5.12 -24.76
N GLY A 329 -10.77 -4.59 -25.30
CA GLY A 329 -10.27 -5.00 -26.61
C GLY A 329 -10.42 -3.92 -27.65
N THR A 330 -11.01 -2.79 -27.26
CA THR A 330 -11.39 -1.76 -28.24
C THR A 330 -10.73 -0.39 -27.97
N LYS A 331 -10.03 -0.26 -26.85
CA LYS A 331 -9.35 1.00 -26.47
C LYS A 331 -7.86 1.03 -26.89
N GLN A 332 -7.27 2.23 -26.86
CA GLN A 332 -5.86 2.49 -27.26
C GLN A 332 -4.87 1.38 -26.86
N GLY A 333 -4.74 1.15 -25.56
CA GLY A 333 -3.71 0.25 -25.01
C GLY A 333 -3.97 -1.23 -25.25
N ASP A 334 -5.14 -1.56 -25.80
CA ASP A 334 -5.64 -2.95 -25.77
C ASP A 334 -4.92 -3.92 -26.76
N PRO A 335 -4.48 -3.42 -27.93
CA PRO A 335 -3.65 -4.28 -28.81
C PRO A 335 -2.37 -4.72 -28.12
N ILE A 336 -1.79 -3.82 -27.33
CA ILE A 336 -0.60 -4.16 -26.56
C ILE A 336 -0.84 -5.25 -25.50
N GLU A 337 -1.94 -5.14 -24.76
CA GLU A 337 -2.27 -6.17 -23.78
C GLU A 337 -2.39 -7.53 -24.46
N LEU A 338 -3.04 -7.56 -25.60
CA LEU A 338 -3.24 -8.79 -26.33
C LEU A 338 -1.93 -9.43 -26.74
N GLU A 339 -1.09 -8.63 -27.38
CA GLU A 339 0.18 -9.08 -27.92
C GLU A 339 1.12 -9.54 -26.81
N ALA A 340 1.18 -8.79 -25.71
CA ALA A 340 2.01 -9.20 -24.59
C ALA A 340 1.60 -10.58 -24.07
N LEU A 341 0.33 -10.74 -23.73
CA LEU A 341 -0.15 -11.98 -23.14
C LEU A 341 0.08 -13.17 -24.10
N SER A 342 -0.27 -12.96 -25.36
CA SER A 342 -0.08 -13.94 -26.41
C SER A 342 1.39 -14.37 -26.59
N THR A 343 2.29 -13.40 -26.65
CA THR A 343 3.73 -13.68 -26.71
C THR A 343 4.20 -14.53 -25.53
N VAL A 344 3.82 -14.15 -24.32
CA VAL A 344 4.28 -14.90 -23.15
C VAL A 344 3.80 -16.34 -23.22
N PHE A 345 2.53 -16.53 -23.52
CA PHE A 345 1.97 -17.88 -23.70
C PHE A 345 2.73 -18.67 -24.79
N GLN A 346 3.02 -18.02 -25.91
CA GLN A 346 3.72 -18.69 -27.03
C GLN A 346 5.16 -19.11 -26.74
N GLU A 347 5.80 -18.43 -25.81
CA GLU A 347 7.13 -18.86 -25.41
C GLU A 347 7.11 -20.29 -24.90
N LYS A 348 5.96 -20.73 -24.39
CA LYS A 348 5.89 -22.04 -23.76
C LYS A 348 5.05 -23.08 -24.48
N THR A 349 4.31 -22.68 -25.51
CA THR A 349 3.43 -23.63 -26.18
C THR A 349 3.11 -23.20 -27.59
N ASP A 350 2.94 -24.21 -28.44
CA ASP A 350 2.55 -24.06 -29.83
C ASP A 350 1.05 -24.26 -29.97
N LYS A 351 0.41 -24.67 -28.88
CA LYS A 351 -1.02 -24.89 -28.83
C LYS A 351 -1.74 -23.62 -29.23
N LYS A 352 -2.84 -23.75 -29.90
CA LYS A 352 -3.53 -22.59 -30.41
C LYS A 352 -4.96 -22.50 -29.87
N GLN A 353 -5.40 -21.27 -29.62
CA GLN A 353 -6.79 -20.98 -29.26
C GLN A 353 -7.34 -21.86 -28.16
N PHE A 354 -6.55 -22.12 -27.14
CA PHE A 354 -7.00 -22.93 -26.00
C PHE A 354 -7.39 -22.05 -24.80
N CYS A 355 -7.15 -20.73 -24.89
CA CYS A 355 -7.42 -19.80 -23.80
C CYS A 355 -8.42 -18.71 -24.20
N ALA A 356 -9.59 -18.76 -23.58
CA ALA A 356 -10.60 -17.74 -23.80
C ALA A 356 -10.21 -16.44 -23.10
N ILE A 357 -10.57 -15.33 -23.71
CA ILE A 357 -10.40 -14.04 -23.08
C ILE A 357 -11.69 -13.23 -23.14
N GLY A 358 -11.79 -12.28 -22.22
CA GLY A 358 -12.93 -11.38 -22.10
C GLY A 358 -12.69 -10.34 -21.01
N SER A 359 -13.70 -9.49 -20.80
CA SER A 359 -13.69 -8.45 -19.79
C SER A 359 -15.11 -8.08 -19.39
N VAL A 360 -15.38 -8.13 -18.10
CA VAL A 360 -16.67 -7.70 -17.52
C VAL A 360 -16.90 -6.18 -17.67
N LYS A 361 -15.87 -5.44 -18.03
CA LYS A 361 -16.04 -4.02 -18.33
C LYS A 361 -16.96 -3.81 -19.53
N SER A 362 -17.06 -4.80 -20.40
CA SER A 362 -18.06 -4.79 -21.49
C SER A 362 -19.50 -4.84 -20.94
N ASN A 363 -19.66 -5.36 -19.73
CA ASN A 363 -20.99 -5.45 -19.09
C ASN A 363 -21.30 -4.27 -18.19
N ILE A 364 -20.33 -3.88 -17.35
CA ILE A 364 -20.59 -2.94 -16.25
C ILE A 364 -19.83 -1.61 -16.33
N GLY A 365 -19.07 -1.41 -17.40
CA GLY A 365 -18.24 -0.23 -17.52
C GLY A 365 -16.87 -0.48 -16.93
N HIS A 366 -15.94 0.46 -17.16
CA HIS A 366 -14.60 0.41 -16.54
C HIS A 366 -14.64 0.88 -15.12
N THR A 367 -14.55 -0.05 -14.17
CA THR A 367 -14.93 0.18 -12.79
C THR A 367 -13.79 0.71 -11.84
N SER A 368 -12.71 1.22 -12.42
CA SER A 368 -11.70 1.97 -11.66
C SER A 368 -11.11 1.10 -10.55
N ALA A 369 -11.03 1.62 -9.33
CA ALA A 369 -10.40 0.90 -8.22
C ALA A 369 -11.01 -0.48 -7.91
N ALA A 370 -12.32 -0.59 -8.15
CA ALA A 370 -13.04 -1.85 -7.93
C ALA A 370 -12.88 -2.89 -9.07
N ALA A 371 -12.17 -2.54 -10.15
CA ALA A 371 -12.06 -3.42 -11.33
C ALA A 371 -11.51 -4.82 -11.00
N GLY A 372 -10.47 -4.84 -10.18
CA GLY A 372 -9.79 -6.06 -9.82
C GLY A 372 -10.72 -7.02 -9.09
N VAL A 373 -11.40 -6.54 -8.05
CA VAL A 373 -12.29 -7.39 -7.31
C VAL A 373 -13.52 -7.80 -8.14
N ALA A 374 -14.05 -6.89 -8.94
CA ALA A 374 -15.13 -7.27 -9.88
C ALA A 374 -14.69 -8.39 -10.84
N GLY A 375 -13.48 -8.29 -11.37
CA GLY A 375 -12.92 -9.34 -12.25
C GLY A 375 -12.67 -10.69 -11.58
N VAL A 376 -12.09 -10.64 -10.39
CA VAL A 376 -11.85 -11.85 -9.63
C VAL A 376 -13.16 -12.55 -9.31
N GLN A 377 -14.15 -11.78 -8.89
CA GLN A 377 -15.45 -12.35 -8.60
C GLN A 377 -16.09 -13.02 -9.85
N LYS A 378 -15.97 -12.39 -11.01
CA LYS A 378 -16.50 -13.01 -12.23
C LYS A 378 -15.85 -14.36 -12.46
N VAL A 379 -14.54 -14.40 -12.31
CA VAL A 379 -13.80 -15.64 -12.54
C VAL A 379 -14.22 -16.75 -11.58
N LEU A 380 -14.39 -16.43 -10.30
CA LEU A 380 -14.78 -17.42 -9.30
C LEU A 380 -16.15 -17.97 -9.60
N LEU A 381 -17.05 -17.07 -10.00
CA LEU A 381 -18.42 -17.45 -10.28
C LEU A 381 -18.45 -18.35 -11.52
N CYS A 382 -17.63 -18.04 -12.52
CA CYS A 382 -17.50 -18.90 -13.69
C CYS A 382 -16.99 -20.27 -13.26
N MET A 383 -16.04 -20.32 -12.32
CA MET A 383 -15.47 -21.60 -11.92
C MET A 383 -16.49 -22.44 -11.16
N ASN A 384 -17.14 -21.80 -10.19
CA ASN A 384 -18.18 -22.45 -9.41
C ASN A 384 -19.28 -23.07 -10.27
N HIS A 385 -19.71 -22.39 -11.34
CA HIS A 385 -20.73 -22.94 -12.26
C HIS A 385 -20.15 -23.69 -13.46
N LYS A 386 -18.83 -23.84 -13.51
CA LYS A 386 -18.16 -24.46 -14.65
C LYS A 386 -18.69 -23.96 -15.98
N THR A 387 -18.78 -22.65 -16.08
CA THR A 387 -19.42 -22.01 -17.21
C THR A 387 -18.59 -20.80 -17.61
N LEU A 388 -18.31 -20.65 -18.90
CA LEU A 388 -17.75 -19.39 -19.43
C LEU A 388 -18.92 -18.58 -19.99
N VAL A 389 -18.80 -17.26 -19.91
CA VAL A 389 -19.89 -16.36 -20.28
C VAL A 389 -19.38 -15.39 -21.32
N PRO A 390 -20.30 -14.79 -22.10
CA PRO A 390 -19.82 -13.93 -23.15
C PRO A 390 -19.11 -12.71 -22.60
N THR A 391 -18.19 -12.18 -23.39
CA THR A 391 -17.87 -10.76 -23.40
C THR A 391 -18.55 -10.09 -24.58
N LEU A 392 -18.93 -8.84 -24.36
CA LEU A 392 -19.78 -8.13 -25.29
C LEU A 392 -18.92 -7.24 -26.17
N ASN A 393 -19.30 -7.14 -27.43
CA ASN A 393 -18.68 -6.19 -28.35
C ASN A 393 -17.17 -6.40 -28.42
N PHE A 401 -5.41 -7.77 -34.74
CA PHE A 401 -4.68 -8.89 -34.15
C PHE A 401 -5.18 -10.22 -34.73
N GLU A 402 -4.26 -11.16 -34.94
CA GLU A 402 -4.58 -12.41 -35.65
C GLU A 402 -4.73 -13.62 -34.70
N PHE A 403 -5.95 -13.81 -34.21
CA PHE A 403 -6.27 -14.84 -33.21
C PHE A 403 -5.94 -16.26 -33.63
N GLU A 404 -6.13 -16.53 -34.91
CA GLU A 404 -6.04 -17.87 -35.49
C GLU A 404 -4.71 -18.54 -35.14
N HIS A 405 -3.63 -17.78 -35.21
CA HIS A 405 -2.31 -18.33 -34.91
C HIS A 405 -1.87 -17.98 -33.49
N SER A 406 -2.83 -17.74 -32.60
CA SER A 406 -2.49 -17.41 -31.21
C SER A 406 -3.05 -18.44 -30.24
N PRO A 407 -2.57 -18.42 -29.00
CA PRO A 407 -3.09 -19.21 -27.89
C PRO A 407 -4.49 -18.81 -27.45
N LEU A 408 -4.93 -17.64 -27.90
CA LEU A 408 -6.15 -17.01 -27.39
C LEU A 408 -7.33 -17.06 -28.38
N TYR A 409 -8.54 -17.03 -27.82
CA TYR A 409 -9.76 -16.63 -28.56
C TYR A 409 -10.66 -15.78 -27.68
N VAL A 410 -11.44 -14.93 -28.35
CA VAL A 410 -12.45 -14.13 -27.70
C VAL A 410 -13.73 -14.95 -27.52
N ASN A 411 -14.11 -15.20 -26.28
CA ASN A 411 -15.30 -15.97 -26.05
C ASN A 411 -16.52 -15.09 -26.03
N THR A 412 -17.41 -15.35 -26.97
CA THR A 412 -18.65 -14.60 -27.12
C THR A 412 -19.84 -15.48 -26.76
N GLU A 413 -19.56 -16.72 -26.37
CA GLU A 413 -20.60 -17.70 -26.04
C GLU A 413 -20.79 -17.93 -24.55
N LEU A 414 -22.03 -18.21 -24.19
CA LEU A 414 -22.39 -18.93 -22.99
C LEU A 414 -22.21 -20.43 -23.25
N LYS A 415 -21.25 -21.03 -22.58
CA LYS A 415 -20.92 -22.42 -22.81
C LYS A 415 -20.28 -23.05 -21.59
N PRO A 416 -20.31 -24.38 -21.53
CA PRO A 416 -19.63 -25.06 -20.44
C PRO A 416 -18.13 -24.80 -20.49
N TRP A 417 -17.52 -24.71 -19.32
CA TRP A 417 -16.11 -24.47 -19.21
C TRP A 417 -15.44 -25.83 -19.06
N GLU A 418 -14.76 -26.28 -20.09
CA GLU A 418 -14.21 -27.63 -20.07
C GLU A 418 -12.77 -27.69 -19.58
N THR A 419 -12.44 -28.81 -18.93
CA THR A 419 -11.04 -29.20 -18.66
C THR A 419 -10.75 -30.62 -19.12
N ALA A 420 -9.53 -30.85 -19.57
CA ALA A 420 -8.99 -32.21 -19.75
C ALA A 420 -8.88 -32.96 -18.43
N ASP A 421 -9.17 -34.26 -18.50
CA ASP A 421 -9.73 -35.02 -17.39
C ASP A 421 -9.19 -34.68 -16.02
N GLY A 422 -10.11 -34.42 -15.09
CA GLY A 422 -9.75 -34.16 -13.72
C GLY A 422 -9.28 -32.74 -13.49
N LYS A 423 -8.38 -32.22 -14.32
CA LYS A 423 -7.58 -31.06 -13.92
C LYS A 423 -8.43 -29.84 -13.56
N PRO A 424 -8.04 -29.13 -12.50
CA PRO A 424 -8.78 -27.94 -12.10
C PRO A 424 -8.62 -26.83 -13.11
N ARG A 425 -9.66 -26.03 -13.26
CA ARG A 425 -9.61 -24.89 -14.15
C ARG A 425 -8.73 -23.81 -13.56
N ARG A 426 -8.03 -23.13 -14.44
CA ARG A 426 -7.15 -22.05 -14.06
C ARG A 426 -7.45 -20.83 -14.93
N ALA A 427 -7.39 -19.66 -14.31
CA ALA A 427 -7.62 -18.39 -15.00
C ALA A 427 -6.81 -17.26 -14.37
N CYS A 428 -6.61 -16.20 -15.14
CA CYS A 428 -5.88 -15.03 -14.68
C CYS A 428 -6.76 -13.82 -14.70
N VAL A 429 -6.34 -12.81 -13.96
CA VAL A 429 -6.95 -11.51 -14.02
C VAL A 429 -5.84 -10.48 -14.12
N SER A 430 -6.02 -9.53 -15.02
CA SER A 430 -5.09 -8.42 -15.18
C SER A 430 -5.75 -7.09 -14.85
N SER A 431 -4.97 -6.19 -14.28
CA SER A 431 -5.48 -4.90 -13.88
C SER A 431 -4.31 -3.89 -13.88
N PHE A 432 -4.37 -2.99 -14.86
CA PHE A 432 -3.33 -1.99 -15.12
C PHE A 432 -4.00 -0.65 -14.73
N GLY A 433 -3.21 0.36 -14.39
CA GLY A 433 -3.80 1.68 -14.06
C GLY A 433 -3.17 2.86 -14.79
N TYR A 434 -3.84 4.04 -14.77
CA TYR A 434 -3.29 5.28 -15.41
C TYR A 434 -1.88 5.60 -14.88
N SER A 435 -1.52 5.18 -13.68
CA SER A 435 -0.21 5.57 -13.19
C SER A 435 0.89 4.56 -13.47
N GLY A 436 0.55 3.47 -14.16
CA GLY A 436 1.57 2.52 -14.65
C GLY A 436 1.86 1.35 -13.73
N THR A 437 1.14 1.23 -12.62
CA THR A 437 1.41 0.13 -11.70
C THR A 437 0.45 -1.00 -12.03
N ASN A 438 1.02 -2.13 -12.39
CA ASN A 438 0.29 -3.24 -12.96
C ASN A 438 0.19 -4.38 -11.95
N ALA A 439 -0.92 -5.12 -12.04
CA ALA A 439 -1.09 -6.35 -11.26
C ALA A 439 -1.65 -7.47 -12.14
N HIS A 440 -1.32 -8.70 -11.78
CA HIS A 440 -1.80 -9.90 -12.49
C HIS A 440 -1.83 -11.03 -11.45
N ILE A 441 -2.91 -11.80 -11.42
CA ILE A 441 -2.99 -12.93 -10.50
C ILE A 441 -3.55 -14.14 -11.20
N VAL A 442 -3.24 -15.30 -10.65
CA VAL A 442 -3.65 -16.58 -11.21
C VAL A 442 -4.48 -17.34 -10.19
N ILE A 443 -5.64 -17.76 -10.62
CA ILE A 443 -6.61 -18.40 -9.74
C ILE A 443 -6.83 -19.83 -10.21
N GLU A 444 -6.99 -20.73 -9.24
CA GLU A 444 -7.29 -22.12 -9.55
C GLU A 444 -8.56 -22.57 -8.85
N GLU A 445 -9.41 -23.27 -9.60
CA GLU A 445 -10.60 -23.94 -9.07
C GLU A 445 -10.24 -24.82 -7.87
N TYR A 446 -10.98 -24.67 -6.79
CA TYR A 446 -10.85 -25.54 -5.63
C TYR A 446 -11.69 -26.78 -5.83
N GLN A 447 -11.10 -27.91 -5.50
CA GLN A 447 -11.72 -29.22 -5.73
C GLN A 447 -11.84 -29.93 -4.39
N PRO A 448 -13.00 -29.84 -3.75
CA PRO A 448 -13.11 -30.36 -2.39
C PRO A 448 -13.03 -31.88 -2.34
N GLU A 449 -12.74 -32.41 -1.16
CA GLU A 449 -12.87 -33.84 -0.92
C GLU A 449 -14.34 -34.23 -0.79
N LYS A 450 -14.67 -35.46 -1.17
CA LYS A 450 -16.02 -35.96 -1.03
C LYS A 450 -16.43 -35.83 0.43
N ARG A 451 -17.70 -35.51 0.65
CA ARG A 451 -18.24 -35.41 1.99
C ARG A 451 -18.80 -36.75 2.47
N ASN A 452 -18.69 -37.00 3.76
CA ASN A 452 -19.33 -38.15 4.40
C ASN A 452 -20.84 -37.94 4.58
N ARG A 460 -34.74 -35.00 8.13
CA ARG A 460 -34.67 -34.59 9.57
C ARG A 460 -34.85 -33.09 9.88
N SER A 461 -35.28 -32.78 11.10
CA SER A 461 -35.61 -31.40 11.45
C SER A 461 -34.37 -30.60 11.70
N ALA A 462 -34.34 -29.41 11.14
CA ALA A 462 -33.32 -28.44 11.45
C ALA A 462 -33.95 -27.17 11.98
N LEU A 463 -33.16 -26.49 12.80
CA LEU A 463 -33.59 -25.30 13.49
C LEU A 463 -33.02 -24.04 12.80
N PHE A 464 -33.90 -23.22 12.26
CA PHE A 464 -33.51 -22.04 11.51
C PHE A 464 -33.67 -20.85 12.42
N VAL A 465 -32.64 -20.02 12.43
CA VAL A 465 -32.65 -18.81 13.25
C VAL A 465 -32.21 -17.62 12.41
N LEU A 466 -32.89 -16.50 12.64
CA LEU A 466 -32.59 -15.24 11.98
C LEU A 466 -32.73 -14.13 13.00
N SER A 467 -31.83 -13.15 12.90
CA SER A 467 -31.88 -11.99 13.77
C SER A 467 -31.41 -10.76 13.02
N ALA A 468 -31.95 -9.62 13.44
CA ALA A 468 -31.58 -8.30 12.91
C ALA A 468 -31.62 -7.27 14.05
N LYS A 469 -31.16 -6.05 13.79
CA LYS A 469 -31.11 -5.03 14.81
C LYS A 469 -32.39 -4.24 14.91
N LYS A 470 -33.22 -4.34 13.88
CA LYS A 470 -34.55 -3.73 13.89
C LYS A 470 -35.50 -4.71 13.28
N GLU A 471 -36.77 -4.62 13.67
CA GLU A 471 -37.73 -5.64 13.27
C GLU A 471 -37.95 -5.58 11.78
N LYS A 472 -37.93 -4.37 11.24
CA LYS A 472 -38.14 -4.18 9.83
C LYS A 472 -37.04 -4.89 9.01
N GLN A 473 -35.82 -4.87 9.51
CA GLN A 473 -34.72 -5.57 8.83
C GLN A 473 -34.83 -7.07 9.01
N LEU A 474 -35.38 -7.51 10.14
CA LEU A 474 -35.63 -8.93 10.32
C LEU A 474 -36.61 -9.43 9.26
N LYS A 475 -37.71 -8.71 9.08
CA LYS A 475 -38.69 -9.05 8.06
C LYS A 475 -38.04 -9.08 6.68
N ALA A 476 -37.24 -8.05 6.40
CA ALA A 476 -36.52 -7.96 5.12
C ALA A 476 -35.55 -9.14 4.98
N TYR A 477 -34.93 -9.52 6.09
CA TYR A 477 -34.05 -10.69 6.11
C TYR A 477 -34.83 -11.97 5.79
N ALA A 478 -36.02 -12.09 6.36
CA ALA A 478 -36.87 -13.25 6.11
C ALA A 478 -37.17 -13.36 4.61
N GLU A 479 -37.43 -12.22 3.98
CA GLU A 479 -37.69 -12.24 2.54
C GLU A 479 -36.48 -12.58 1.68
N ALA A 480 -35.31 -12.06 2.02
CA ALA A 480 -34.10 -12.45 1.29
C ALA A 480 -33.84 -13.95 1.40
N MET A 481 -34.06 -14.52 2.58
CA MET A 481 -33.85 -15.96 2.74
C MET A 481 -34.86 -16.75 1.91
N LYS A 482 -36.09 -16.28 1.88
CA LYS A 482 -37.16 -16.98 1.16
C LYS A 482 -36.87 -17.01 -0.33
N ASP A 483 -36.45 -15.86 -0.84
CA ASP A 483 -36.11 -15.74 -2.25
C ASP A 483 -34.97 -16.68 -2.56
N PHE A 484 -33.98 -16.68 -1.68
CA PHE A 484 -32.82 -17.51 -1.91
C PHE A 484 -33.19 -19.00 -1.94
N VAL A 485 -34.06 -19.41 -1.03
CA VAL A 485 -34.41 -20.83 -0.96
C VAL A 485 -35.22 -21.21 -2.17
N THR A 486 -36.14 -20.34 -2.54
CA THR A 486 -36.94 -20.48 -3.75
C THR A 486 -36.09 -20.62 -5.02
N SER A 487 -35.04 -19.81 -5.13
CA SER A 487 -34.15 -19.85 -6.31
C SER A 487 -33.19 -21.03 -6.28
N ASN A 488 -32.97 -21.60 -5.10
CA ASN A 488 -31.89 -22.57 -4.94
C ASN A 488 -32.43 -23.93 -4.51
N GLU A 489 -32.95 -24.68 -5.46
CA GLU A 489 -33.76 -25.84 -5.11
C GLU A 489 -32.95 -26.97 -4.50
N ASP A 490 -31.64 -26.95 -4.69
CA ASP A 490 -30.79 -27.98 -4.06
C ASP A 490 -30.04 -27.56 -2.80
N ILE A 491 -30.43 -26.47 -2.14
CA ILE A 491 -29.76 -26.10 -0.88
C ILE A 491 -29.86 -27.28 0.05
N ASP A 492 -28.74 -27.56 0.71
CA ASP A 492 -28.68 -28.45 1.83
C ASP A 492 -29.20 -27.72 3.07
N LEU A 493 -30.31 -28.19 3.62
CA LEU A 493 -31.01 -27.45 4.66
C LEU A 493 -30.16 -27.39 5.92
N GLU A 494 -29.48 -28.49 6.22
CA GLU A 494 -28.68 -28.56 7.44
C GLU A 494 -27.51 -27.58 7.40
N ASP A 495 -26.83 -27.50 6.26
CA ASP A 495 -25.76 -26.50 6.06
C ASP A 495 -26.32 -25.09 6.23
N MET A 496 -27.52 -24.86 5.73
CA MET A 496 -28.12 -23.55 5.83
C MET A 496 -28.36 -23.17 7.29
N ALA A 497 -28.99 -24.07 8.04
CA ALA A 497 -29.29 -23.81 9.44
C ALA A 497 -28.02 -23.67 10.29
N TYR A 498 -27.07 -24.55 10.06
CA TYR A 498 -25.78 -24.49 10.73
C TYR A 498 -25.12 -23.13 10.49
N THR A 499 -25.23 -22.65 9.25
CA THR A 499 -24.64 -21.38 8.86
C THR A 499 -25.34 -20.24 9.57
N LEU A 500 -26.65 -20.33 9.69
CA LEU A 500 -27.45 -19.34 10.40
C LEU A 500 -27.20 -19.38 11.91
N GLN A 501 -26.95 -20.58 12.42
CA GLN A 501 -26.60 -20.74 13.82
C GLN A 501 -25.23 -20.14 14.17
N THR A 502 -24.20 -20.55 13.44
CA THR A 502 -22.81 -20.36 13.86
C THR A 502 -22.13 -19.24 13.08
N GLY A 503 -22.74 -18.83 11.98
CA GLY A 503 -22.10 -17.94 11.04
C GLY A 503 -22.78 -16.60 10.95
N ARG A 504 -23.74 -16.35 11.85
CA ARG A 504 -24.34 -15.01 11.96
C ARG A 504 -24.36 -14.63 13.44
N GLU A 505 -24.22 -13.35 13.72
CA GLU A 505 -24.42 -12.82 15.07
C GLU A 505 -25.90 -12.84 15.46
N ALA A 506 -26.17 -13.27 16.69
CA ALA A 506 -27.49 -13.16 17.28
C ALA A 506 -27.74 -11.73 17.71
N MET A 507 -28.61 -11.05 16.96
CA MET A 507 -28.94 -9.66 17.22
C MET A 507 -30.29 -9.62 17.94
N ASP A 508 -30.78 -8.42 18.24
CA ASP A 508 -31.76 -8.25 19.30
C ASP A 508 -33.18 -8.64 18.88
N TYR A 509 -33.49 -8.49 17.60
CA TYR A 509 -34.78 -8.92 17.09
C TYR A 509 -34.62 -10.29 16.44
N ARG A 510 -35.39 -11.25 16.94
CA ARG A 510 -35.07 -12.67 16.76
C ARG A 510 -36.28 -13.47 16.27
N MET A 511 -36.05 -14.39 15.34
CA MET A 511 -37.07 -15.38 14.98
C MET A 511 -36.44 -16.73 14.66
N ALA A 512 -37.21 -17.77 14.95
CA ALA A 512 -36.74 -19.16 14.75
C ALA A 512 -37.89 -20.11 14.51
N PHE A 513 -37.59 -21.16 13.76
CA PHE A 513 -38.56 -22.17 13.45
C PHE A 513 -37.85 -23.44 13.02
N LEU A 514 -38.62 -24.52 13.02
CA LEU A 514 -38.17 -25.84 12.59
C LEU A 514 -38.62 -26.11 11.15
N ALA A 515 -37.85 -26.86 10.40
CA ALA A 515 -38.28 -27.35 9.08
C ALA A 515 -37.43 -28.54 8.67
N ASP A 516 -38.03 -29.50 7.98
CA ASP A 516 -37.32 -30.70 7.54
C ASP A 516 -37.39 -30.87 6.04
N SER A 517 -37.95 -29.88 5.37
CA SER A 517 -37.95 -29.88 3.92
C SER A 517 -38.01 -28.48 3.41
N ARG A 518 -37.61 -28.36 2.16
CA ARG A 518 -37.54 -27.10 1.47
C ARG A 518 -38.88 -26.42 1.48
N GLU A 519 -39.93 -27.21 1.27
CA GLU A 519 -41.26 -26.64 1.11
C GLU A 519 -41.82 -26.21 2.47
N MET A 520 -41.46 -26.93 3.53
CA MET A 520 -41.81 -26.50 4.89
C MET A 520 -41.06 -25.20 5.26
N LEU A 521 -39.81 -25.10 4.81
CA LEU A 521 -38.98 -23.91 5.07
C LEU A 521 -39.57 -22.64 4.45
N ILE A 522 -39.90 -22.72 3.18
CA ILE A 522 -40.58 -21.65 2.48
C ILE A 522 -41.90 -21.29 3.16
N LYS A 523 -42.67 -22.32 3.52
CA LYS A 523 -43.95 -22.10 4.18
C LYS A 523 -43.82 -21.33 5.51
N ALA A 524 -42.88 -21.74 6.36
CA ALA A 524 -42.64 -21.02 7.61
C ALA A 524 -42.24 -19.57 7.33
N LEU A 525 -41.35 -19.36 6.36
CA LEU A 525 -40.95 -17.99 6.04
C LEU A 525 -42.16 -17.20 5.54
N ASP A 526 -42.98 -17.83 4.71
CA ASP A 526 -44.20 -17.17 4.23
C ASP A 526 -45.17 -16.84 5.38
N ASP A 527 -45.39 -17.79 6.27
CA ASP A 527 -46.26 -17.53 7.42
C ASP A 527 -45.73 -16.39 8.29
N TYR A 528 -44.43 -16.35 8.49
CA TYR A 528 -43.83 -15.31 9.30
C TYR A 528 -44.05 -13.94 8.67
N LEU A 529 -43.85 -13.86 7.36
CA LEU A 529 -44.04 -12.61 6.63
C LEU A 529 -45.51 -12.18 6.66
N ALA A 530 -46.43 -13.13 6.51
CA ALA A 530 -47.86 -12.80 6.47
C ALA A 530 -48.47 -12.67 7.87
N GLU A 531 -47.65 -12.83 8.90
CA GLU A 531 -48.12 -12.82 10.29
C GLU A 531 -49.33 -13.72 10.46
N MET A 532 -49.15 -14.98 10.11
CA MET A 532 -50.17 -15.96 10.19
C MET A 532 -50.07 -16.52 11.55
N PRO A 533 -51.24 -16.62 12.28
CA PRO A 533 -51.08 -17.24 13.60
C PRO A 533 -50.55 -18.63 13.36
N ASN A 534 -49.30 -18.91 13.69
CA ASN A 534 -48.81 -20.26 13.45
C ASN A 534 -48.39 -21.15 14.57
N GLY A 535 -47.84 -20.53 15.59
CA GLY A 535 -47.33 -21.31 16.68
C GLY A 535 -46.10 -22.11 16.31
N SER A 536 -45.86 -22.26 15.02
CA SER A 536 -44.73 -22.96 14.50
C SER A 536 -43.54 -22.00 14.45
N ILE A 537 -43.83 -20.71 14.49
CA ILE A 537 -42.82 -19.67 14.47
C ILE A 537 -42.61 -19.04 15.82
N PHE A 538 -41.36 -18.94 16.23
CA PHE A 538 -41.03 -18.29 17.47
C PHE A 538 -40.38 -16.95 17.16
N ALA A 539 -40.75 -15.95 17.91
CA ALA A 539 -40.18 -14.64 17.73
C ALA A 539 -40.18 -13.86 19.02
N ALA A 540 -39.15 -13.04 19.21
CA ALA A 540 -39.10 -12.14 20.33
C ALA A 540 -38.04 -11.07 20.15
N HIS A 541 -38.16 -10.06 20.98
CA HIS A 541 -37.21 -8.98 21.10
C HIS A 541 -36.51 -9.12 22.45
N VAL A 542 -35.18 -9.27 22.46
CA VAL A 542 -34.49 -9.42 23.74
C VAL A 542 -34.46 -8.06 24.50
N LYS A 550 -34.75 -17.01 31.81
CA LYS A 550 -33.32 -16.70 31.78
C LYS A 550 -32.66 -17.00 33.14
N LEU A 551 -33.15 -18.07 33.77
CA LEU A 551 -32.48 -18.73 34.89
C LEU A 551 -31.76 -20.01 34.40
N PHE A 552 -31.82 -20.26 33.09
CA PHE A 552 -30.98 -21.26 32.45
C PHE A 552 -29.52 -20.77 32.38
N GLU A 553 -29.28 -19.56 32.85
CA GLU A 553 -27.92 -19.03 32.96
C GLU A 553 -27.30 -19.35 34.30
N THR A 554 -28.09 -19.15 35.35
CA THR A 554 -27.58 -19.16 36.71
C THR A 554 -27.58 -20.57 37.32
N ASP A 555 -28.74 -21.25 37.28
CA ASP A 555 -28.91 -22.54 37.95
C ASP A 555 -28.21 -23.70 37.23
N HIS A 556 -27.48 -24.48 38.01
CA HIS A 556 -26.79 -25.68 37.56
C HIS A 556 -27.74 -26.72 36.93
N ASP A 557 -28.85 -27.00 37.59
CA ASP A 557 -29.73 -28.09 37.16
C ASP A 557 -30.53 -27.69 35.93
N ALA A 558 -30.76 -26.38 35.78
CA ALA A 558 -31.48 -25.87 34.62
C ALA A 558 -30.63 -26.04 33.35
N LYS A 559 -29.33 -25.83 33.49
CA LYS A 559 -28.38 -25.99 32.38
C LYS A 559 -28.40 -27.43 31.92
N ALA A 560 -28.43 -28.33 32.90
CA ALA A 560 -28.42 -29.76 32.63
C ALA A 560 -29.66 -30.14 31.82
N LEU A 561 -30.77 -29.47 32.11
CA LEU A 561 -32.02 -29.77 31.43
C LEU A 561 -31.92 -29.32 29.96
N LEU A 562 -31.43 -28.11 29.75
CA LEU A 562 -31.19 -27.62 28.39
C LEU A 562 -30.43 -28.68 27.58
N GLN A 563 -29.29 -29.12 28.12
CA GLN A 563 -28.50 -30.17 27.48
C GLN A 563 -29.35 -31.40 27.17
N THR A 564 -30.14 -31.82 28.15
CA THR A 564 -31.03 -32.97 27.99
C THR A 564 -31.96 -32.76 26.80
N TRP A 565 -32.49 -31.54 26.66
CA TRP A 565 -33.34 -31.18 25.52
C TRP A 565 -32.61 -31.25 24.18
N ILE A 566 -31.37 -30.80 24.17
CA ILE A 566 -30.53 -30.86 22.97
C ILE A 566 -30.35 -32.31 22.50
N GLU A 567 -29.80 -33.13 23.38
CA GLU A 567 -29.54 -34.54 23.05
C GLU A 567 -30.82 -35.28 22.63
N LYS A 568 -31.96 -34.89 23.20
CA LYS A 568 -33.24 -35.49 22.78
C LYS A 568 -33.85 -34.78 21.57
N LYS A 569 -33.11 -33.81 21.03
CA LYS A 569 -33.57 -32.93 19.94
C LYS A 569 -34.99 -32.39 20.12
N ARG A 570 -35.16 -31.70 21.24
CA ARG A 570 -36.32 -30.87 21.52
C ARG A 570 -36.05 -29.46 20.99
N LEU A 571 -35.88 -29.37 19.68
CA LEU A 571 -35.46 -28.13 19.03
C LEU A 571 -36.44 -26.99 19.27
N GLU A 572 -37.71 -27.32 19.48
CA GLU A 572 -38.72 -26.30 19.83
C GLU A 572 -38.31 -25.56 21.10
N LYS A 573 -37.79 -26.31 22.07
CA LYS A 573 -37.43 -25.74 23.35
C LYS A 573 -36.22 -24.85 23.19
N VAL A 574 -35.28 -25.31 22.37
CA VAL A 574 -34.07 -24.55 22.13
C VAL A 574 -34.43 -23.27 21.41
N ALA A 575 -35.26 -23.40 20.38
CA ALA A 575 -35.74 -22.25 19.63
C ALA A 575 -36.35 -21.19 20.55
N GLU A 576 -37.25 -21.66 21.41
CA GLU A 576 -38.01 -20.79 22.31
C GLU A 576 -37.07 -19.95 23.15
N LEU A 577 -36.10 -20.61 23.77
CA LEU A 577 -35.17 -19.92 24.64
C LEU A 577 -34.21 -19.01 23.89
N TRP A 578 -33.79 -19.44 22.70
CA TRP A 578 -32.85 -18.65 21.93
C TRP A 578 -33.47 -17.35 21.50
N VAL A 579 -34.74 -17.38 21.12
CA VAL A 579 -35.33 -16.13 20.64
C VAL A 579 -35.47 -15.13 21.78
N LYS A 580 -35.49 -15.62 23.02
CA LYS A 580 -35.63 -14.72 24.17
C LYS A 580 -34.30 -14.20 24.62
N GLY A 581 -33.22 -14.79 24.12
CA GLY A 581 -31.88 -14.25 24.36
C GLY A 581 -30.89 -15.26 24.91
N LEU A 582 -31.30 -16.50 25.13
CA LEU A 582 -30.37 -17.45 25.73
C LEU A 582 -29.30 -17.83 24.72
N GLN A 583 -28.05 -17.72 25.16
CA GLN A 583 -26.95 -18.15 24.32
C GLN A 583 -26.88 -19.67 24.29
N ILE A 584 -26.91 -20.20 23.08
CA ILE A 584 -26.89 -21.64 22.84
C ILE A 584 -25.53 -22.02 22.28
N ASP A 585 -24.98 -23.12 22.77
CA ASP A 585 -23.73 -23.64 22.21
C ASP A 585 -24.06 -24.60 21.07
N TRP A 586 -24.15 -24.03 19.87
CA TRP A 586 -24.72 -24.74 18.72
C TRP A 586 -24.02 -26.04 18.38
N ASN A 587 -22.72 -26.12 18.66
CA ASN A 587 -21.98 -27.35 18.38
C ASN A 587 -22.57 -28.60 19.05
N LYS A 588 -23.17 -28.41 20.22
CA LYS A 588 -23.78 -29.54 20.93
C LYS A 588 -24.95 -30.16 20.21
N LEU A 589 -25.53 -29.46 19.23
CA LEU A 589 -26.59 -30.05 18.40
C LEU A 589 -26.10 -31.10 17.44
N TYR A 590 -24.79 -31.35 17.42
CA TYR A 590 -24.21 -32.12 16.35
C TYR A 590 -23.31 -33.18 16.97
N GLY A 591 -23.62 -34.44 16.70
CA GLY A 591 -22.83 -35.53 17.27
C GLY A 591 -21.54 -36.05 16.69
N GLU A 592 -21.61 -36.46 15.44
CA GLU A 592 -20.44 -37.01 14.76
C GLU A 592 -20.55 -36.51 13.34
N TYR A 593 -21.73 -36.03 12.96
CA TYR A 593 -21.90 -35.43 11.65
C TYR A 593 -22.09 -33.95 11.95
N THR A 594 -21.15 -33.14 11.49
CA THR A 594 -21.26 -31.69 11.60
C THR A 594 -21.44 -31.09 10.22
N PRO A 595 -22.46 -30.23 10.06
CA PRO A 595 -22.66 -29.59 8.76
C PRO A 595 -21.59 -28.55 8.46
N ARG A 596 -21.74 -27.86 7.34
CA ARG A 596 -20.78 -26.88 6.85
C ARG A 596 -21.40 -25.50 6.65
N ARG A 597 -20.61 -24.45 6.93
CA ARG A 597 -21.00 -23.09 6.55
C ARG A 597 -20.96 -22.94 5.05
N ILE A 598 -22.03 -22.37 4.52
CA ILE A 598 -22.15 -22.04 3.11
C ILE A 598 -22.54 -20.57 2.95
N SER A 599 -22.49 -20.12 1.70
CA SER A 599 -22.92 -18.80 1.28
C SER A 599 -24.42 -18.66 1.48
N LEU A 600 -24.83 -17.64 2.21
CA LEU A 600 -26.23 -17.28 2.31
C LEU A 600 -26.30 -15.79 2.16
N PRO A 601 -27.49 -15.24 1.89
CA PRO A 601 -27.54 -13.79 1.86
C PRO A 601 -27.18 -13.18 3.20
N ALA A 602 -26.66 -11.98 3.11
CA ALA A 602 -26.03 -11.32 4.19
C ALA A 602 -26.96 -10.22 4.64
N TYR A 603 -26.58 -9.51 5.69
CA TYR A 603 -27.47 -8.58 6.34
C TYR A 603 -28.13 -7.57 5.38
N PRO A 604 -29.46 -7.41 5.46
CA PRO A 604 -30.19 -6.44 4.67
C PRO A 604 -30.24 -5.07 5.34
N PHE A 605 -29.27 -4.23 5.00
CA PHE A 605 -29.12 -2.94 5.64
C PHE A 605 -30.35 -2.06 5.44
N ALA A 606 -30.69 -1.31 6.47
CA ALA A 606 -31.75 -0.21 6.32
C ALA A 606 -31.42 0.83 5.35
N GLU A 607 -32.36 1.02 4.43
CA GLU A 607 -32.18 1.85 3.20
C GLU A 607 -32.36 3.28 3.38
N GLU A 608 -31.65 3.91 4.27
CA GLU A 608 -31.93 5.24 4.82
C GLU A 608 -31.05 6.21 4.06
N TYR A 609 -31.61 7.35 3.67
CA TYR A 609 -30.96 8.29 2.79
C TYR A 609 -30.10 9.26 3.60
N TYR A 610 -28.83 9.45 3.20
CA TYR A 610 -27.99 10.49 3.79
C TYR A 610 -27.16 11.19 2.73
N TRP A 611 -27.26 12.52 2.69
CA TRP A 611 -26.45 13.33 1.80
C TRP A 611 -26.03 14.64 2.47
N LEU A 612 -25.44 15.55 1.70
CA LEU A 612 -24.80 16.77 2.22
C LEU A 612 -25.72 17.52 3.18
N PRO A 613 -25.23 17.89 4.36
CA PRO A 613 -26.06 18.57 5.36
C PRO A 613 -26.54 19.96 4.97
N PRO B 23 17.45 -13.95 9.91
CA PRO B 23 18.48 -12.92 10.13
C PRO B 23 19.04 -12.32 8.83
N GLU B 24 19.35 -13.16 7.85
CA GLU B 24 19.93 -12.73 6.57
C GLU B 24 18.82 -12.26 5.62
N ASP B 25 17.63 -12.10 6.18
CA ASP B 25 16.66 -11.14 5.70
C ASP B 25 16.99 -9.73 6.28
N ALA B 26 18.26 -9.36 6.31
CA ALA B 26 18.63 -8.00 6.71
C ALA B 26 18.51 -7.07 5.50
N ILE B 27 17.92 -5.90 5.71
CA ILE B 27 17.82 -4.90 4.64
C ILE B 27 18.77 -3.75 4.90
N ALA B 28 19.64 -3.47 3.94
CA ALA B 28 20.56 -2.32 4.02
C ALA B 28 19.89 -1.05 3.56
N ILE B 29 20.17 0.04 4.27
CA ILE B 29 19.89 1.38 3.79
C ILE B 29 21.15 1.97 3.20
N VAL B 30 21.13 2.18 1.89
CA VAL B 30 22.33 2.58 1.12
C VAL B 30 22.29 4.04 0.64
N GLY B 31 21.18 4.72 0.88
CA GLY B 31 21.07 6.10 0.47
C GLY B 31 19.96 6.79 1.22
N MET B 32 20.13 8.09 1.39
CA MET B 32 19.15 8.92 2.05
C MET B 32 19.25 10.35 1.56
N SER B 33 18.11 11.03 1.59
CA SER B 33 18.03 12.45 1.42
C SER B 33 16.81 12.97 2.20
N GLY B 34 16.93 14.17 2.74
CA GLY B 34 15.91 14.71 3.62
C GLY B 34 15.87 16.22 3.63
N ARG B 35 14.68 16.77 3.60
CA ARG B 35 14.40 18.20 3.66
C ARG B 35 13.35 18.43 4.76
N TYR B 36 13.73 19.11 5.83
CA TYR B 36 12.86 19.30 7.01
C TYR B 36 12.95 20.77 7.47
N PRO B 37 12.00 21.21 8.32
CA PRO B 37 12.09 22.56 8.84
C PRO B 37 13.47 22.83 9.43
N GLY B 38 14.10 23.92 8.96
CA GLY B 38 15.43 24.30 9.39
C GLY B 38 16.58 23.59 8.69
N ALA B 39 16.27 22.59 7.87
CA ALA B 39 17.30 21.72 7.29
C ALA B 39 16.98 21.40 5.85
N ARG B 40 17.85 21.85 4.96
CA ARG B 40 17.69 21.67 3.54
C ARG B 40 18.23 20.35 3.12
N ASN B 41 19.00 19.76 4.01
CA ASN B 41 19.55 18.46 3.76
C ASN B 41 19.93 17.77 5.04
N VAL B 42 20.28 16.53 4.90
CA VAL B 42 20.58 15.63 5.97
C VAL B 42 21.72 16.11 6.83
N ARG B 43 22.71 16.73 6.21
CA ARG B 43 23.84 17.31 6.95
C ARG B 43 23.44 18.50 7.84
N GLU B 44 22.61 19.42 7.34
CA GLU B 44 22.07 20.48 8.21
C GLU B 44 21.21 19.88 9.32
N TYR B 45 20.43 18.88 8.94
CA TYR B 45 19.54 18.17 9.86
C TYR B 45 20.37 17.68 11.06
N TRP B 46 21.41 16.93 10.78
CA TRP B 46 22.30 16.43 11.83
C TRP B 46 22.82 17.59 12.68
N ASP B 47 23.37 18.61 12.01
CA ASP B 47 23.96 19.72 12.73
C ASP B 47 22.91 20.39 13.63
N ASN B 48 21.66 20.44 13.17
CA ASN B 48 20.58 20.97 14.01
C ASN B 48 20.25 20.11 15.23
N LEU B 49 20.19 18.80 15.02
CA LEU B 49 19.92 17.89 16.14
C LEU B 49 21.04 17.91 17.17
N VAL B 50 22.29 17.87 16.69
CA VAL B 50 23.43 17.91 17.58
C VAL B 50 23.38 19.14 18.49
N HIS B 51 22.92 20.27 17.97
CA HIS B 51 22.86 21.52 18.73
C HIS B 51 21.49 21.78 19.34
N ALA B 52 20.62 20.78 19.33
CA ALA B 52 19.30 20.89 19.95
C ALA B 52 18.47 22.01 19.39
N ARG B 53 18.54 22.25 18.10
CA ARG B 53 17.79 23.35 17.53
C ARG B 53 16.33 23.01 17.38
N ASN B 54 15.50 23.97 17.72
CA ASN B 54 14.08 23.84 17.54
C ASN B 54 13.72 24.73 16.36
N ALA B 55 13.20 24.12 15.31
CA ALA B 55 12.93 24.83 14.08
C ALA B 55 11.48 25.29 13.98
N ILE B 56 10.69 25.11 15.03
CA ILE B 56 9.27 25.49 14.97
C ILE B 56 9.15 27.00 15.04
N ARG B 57 8.31 27.57 14.19
CA ARG B 57 8.14 29.01 14.09
C ARG B 57 6.67 29.38 14.12
N ASP B 58 6.40 30.65 14.36
CA ASP B 58 5.09 31.23 14.05
C ASP B 58 4.81 31.18 12.56
N ILE B 59 3.57 30.84 12.23
CA ILE B 59 3.10 30.88 10.85
C ILE B 59 2.98 32.32 10.34
N PRO B 60 3.56 32.62 9.16
CA PRO B 60 3.44 33.98 8.62
C PRO B 60 2.29 34.15 7.62
N THR B 61 2.02 35.39 7.23
CA THR B 61 0.92 35.74 6.31
C THR B 61 1.13 35.16 4.93
N SER B 62 2.40 35.14 4.50
CA SER B 62 2.77 34.61 3.20
C SER B 62 2.13 33.25 2.93
N ARG B 63 1.91 32.46 3.98
CA ARG B 63 1.15 31.22 3.84
C ARG B 63 -0.32 31.53 3.92
N TRP B 64 -0.70 32.10 5.06
CA TRP B 64 -2.05 32.58 5.29
C TRP B 64 -2.06 33.36 6.61
N CYS B 82 -3.20 25.40 16.96
CA CYS B 82 -2.43 26.52 17.51
C CYS B 82 -1.90 27.48 16.42
N LYS B 83 -0.76 28.13 16.66
CA LYS B 83 -0.27 29.21 15.80
C LYS B 83 1.13 28.99 15.21
N SER B 84 1.73 27.84 15.52
CA SER B 84 3.09 27.57 15.06
C SER B 84 3.16 26.26 14.29
N MET B 85 4.25 26.11 13.54
CA MET B 85 4.39 25.05 12.58
C MET B 85 5.85 24.85 12.30
N GLY B 86 6.22 23.61 12.08
CA GLY B 86 7.49 23.32 11.44
C GLY B 86 7.27 23.42 9.95
N MET B 87 7.93 24.38 9.31
CA MET B 87 7.69 24.72 7.94
C MET B 87 8.92 24.48 7.13
N LEU B 88 8.69 24.03 5.90
CA LEU B 88 9.71 24.08 4.89
C LEU B 88 9.73 25.47 4.27
N ASP B 89 10.86 25.84 3.70
CA ASP B 89 10.97 27.10 2.94
C ASP B 89 10.92 26.85 1.45
N ASP B 90 10.50 27.87 0.71
CA ASP B 90 10.54 27.85 -0.76
C ASP B 90 9.96 26.56 -1.32
N ILE B 91 8.76 26.24 -0.84
CA ILE B 91 8.05 25.05 -1.29
C ILE B 91 7.59 25.14 -2.75
N GLU B 92 7.65 26.33 -3.32
CA GLU B 92 7.24 26.58 -4.71
C GLU B 92 8.33 26.29 -5.72
N HIS B 93 9.56 26.17 -5.24
CA HIS B 93 10.72 25.98 -6.09
C HIS B 93 10.83 24.57 -6.64
N PHE B 94 11.26 24.47 -7.89
CA PHE B 94 11.31 23.23 -8.64
C PHE B 94 12.18 23.42 -9.89
N ASP B 95 12.78 22.33 -10.35
CA ASP B 95 13.61 22.31 -11.56
C ASP B 95 12.97 21.37 -12.59
N PRO B 96 11.88 21.86 -13.24
CA PRO B 96 11.08 21.00 -14.10
C PRO B 96 11.85 20.48 -15.29
N LEU B 97 12.75 21.30 -15.83
CA LEU B 97 13.55 20.91 -16.99
C LEU B 97 14.45 19.72 -16.70
N PHE B 98 15.02 19.70 -15.51
CA PHE B 98 15.81 18.55 -15.10
C PHE B 98 15.01 17.27 -15.33
N PHE B 99 13.74 17.32 -14.96
CA PHE B 99 12.87 16.16 -15.02
C PHE B 99 12.08 16.05 -16.33
N ASN B 100 12.46 16.82 -17.36
CA ASN B 100 11.77 16.79 -18.66
C ASN B 100 10.29 17.08 -18.55
N ILE B 101 9.96 18.00 -17.65
CA ILE B 101 8.59 18.45 -17.45
C ILE B 101 8.52 19.91 -17.89
N PRO B 102 7.57 20.24 -18.79
CA PRO B 102 7.36 21.61 -19.22
C PRO B 102 7.08 22.56 -18.06
N PRO B 103 7.63 23.77 -18.12
CA PRO B 103 7.36 24.75 -17.07
C PRO B 103 5.87 24.98 -16.77
N SER B 104 5.03 25.00 -17.82
CA SER B 104 3.59 25.19 -17.63
C SER B 104 2.96 24.05 -16.80
N GLU B 105 3.45 22.82 -16.97
CA GLU B 105 2.93 21.70 -16.20
C GLU B 105 3.36 21.78 -14.73
N ALA B 106 4.54 22.32 -14.46
CA ALA B 106 5.02 22.49 -13.08
C ALA B 106 4.04 23.26 -12.23
N GLU B 107 3.46 24.30 -12.84
CA GLU B 107 2.49 25.15 -12.15
C GLU B 107 1.28 24.33 -11.70
N LEU B 108 0.94 23.35 -12.51
CA LEU B 108 -0.18 22.45 -12.21
C LEU B 108 0.20 21.30 -11.24
N MET B 109 1.47 21.11 -10.94
CA MET B 109 1.89 20.02 -10.04
C MET B 109 1.80 20.40 -8.58
N ASP B 110 1.09 19.59 -7.82
CA ASP B 110 1.17 19.63 -6.37
C ASP B 110 2.65 19.73 -5.93
N PRO B 111 2.98 20.73 -5.10
CA PRO B 111 4.36 20.86 -4.66
C PRO B 111 4.90 19.67 -3.87
N GLN B 112 4.01 18.91 -3.25
CA GLN B 112 4.41 17.67 -2.59
C GLN B 112 5.05 16.73 -3.60
N HIS B 113 4.47 16.67 -4.79
CA HIS B 113 4.97 15.78 -5.84
C HIS B 113 6.37 16.26 -6.28
N ARG B 114 6.46 17.56 -6.52
CA ARG B 114 7.70 18.21 -6.94
C ARG B 114 8.85 18.04 -5.94
N ILE B 115 8.59 18.34 -4.68
CA ILE B 115 9.60 18.18 -3.67
C ILE B 115 10.00 16.71 -3.49
N PHE B 116 9.06 15.78 -3.59
CA PHE B 116 9.44 14.38 -3.46
C PHE B 116 10.26 13.88 -4.64
N LEU B 117 9.89 14.28 -5.86
CA LEU B 117 10.72 13.97 -7.03
C LEU B 117 12.17 14.37 -6.75
N GLN B 118 12.34 15.57 -6.23
CA GLN B 118 13.66 16.12 -5.97
C GLN B 118 14.38 15.31 -4.89
N GLU B 119 13.74 15.12 -3.74
CA GLU B 119 14.41 14.39 -2.65
C GLU B 119 14.61 12.92 -3.00
N GLY B 120 13.60 12.30 -3.59
CA GLY B 120 13.70 10.90 -4.00
C GLY B 120 14.87 10.69 -4.95
N TYR B 121 14.95 11.57 -5.94
CA TYR B 121 16.07 11.55 -6.86
C TYR B 121 17.40 11.69 -6.11
N LYS B 122 17.48 12.63 -5.18
CA LYS B 122 18.75 12.90 -4.52
C LYS B 122 19.18 11.72 -3.66
N ALA B 123 18.21 10.98 -3.14
CA ALA B 123 18.55 9.82 -2.33
C ALA B 123 19.32 8.80 -3.19
N PHE B 124 18.88 8.62 -4.43
CA PHE B 124 19.57 7.72 -5.33
C PHE B 124 21.01 8.19 -5.56
N GLU B 125 21.21 9.50 -5.76
CA GLU B 125 22.57 10.01 -5.93
C GLU B 125 23.37 9.85 -4.63
N ASP B 126 22.73 10.07 -3.49
CA ASP B 126 23.39 9.87 -2.21
C ASP B 126 23.96 8.46 -2.12
N ALA B 127 23.17 7.48 -2.60
CA ALA B 127 23.64 6.09 -2.66
C ALA B 127 24.70 5.85 -3.71
N GLY B 128 24.88 6.79 -4.63
CA GLY B 128 25.82 6.64 -5.74
C GLY B 128 25.26 5.92 -6.96
N TYR B 129 23.95 6.06 -7.18
CA TYR B 129 23.25 5.51 -8.35
C TYR B 129 22.77 6.69 -9.26
N ASN B 130 22.71 6.45 -10.57
CA ASN B 130 22.27 7.47 -11.55
C ASN B 130 21.29 6.88 -12.60
N ALA B 131 20.78 7.72 -13.50
CA ALA B 131 19.86 7.23 -14.57
C ALA B 131 20.38 5.99 -15.28
N ARG B 132 21.64 6.02 -15.69
CA ARG B 132 22.21 4.88 -16.40
C ARG B 132 22.10 3.60 -15.56
N THR B 133 22.47 3.65 -14.30
CA THR B 133 22.56 2.45 -13.49
C THR B 133 21.19 2.03 -12.92
N LEU B 134 20.19 2.90 -13.06
CA LEU B 134 18.85 2.63 -12.52
C LEU B 134 17.88 2.19 -13.61
N ASN B 135 18.23 2.52 -14.85
CA ASN B 135 17.38 2.23 -15.96
C ASN B 135 16.98 0.76 -15.92
N GLU B 136 15.67 0.53 -15.92
CA GLU B 136 15.09 -0.82 -15.88
C GLU B 136 15.31 -1.65 -14.63
N LYS B 137 15.86 -1.06 -13.57
CA LYS B 137 15.94 -1.77 -12.29
C LYS B 137 14.54 -2.07 -11.78
N LYS B 138 14.39 -3.24 -11.16
CA LYS B 138 13.19 -3.53 -10.41
C LYS B 138 13.27 -2.84 -9.06
N CYS B 139 13.14 -1.53 -9.11
CA CYS B 139 13.12 -0.72 -7.89
C CYS B 139 11.68 -0.34 -7.64
N GLY B 140 11.12 -0.75 -6.51
CA GLY B 140 9.78 -0.31 -6.13
C GLY B 140 9.83 1.02 -5.42
N VAL B 141 8.73 1.75 -5.48
CA VAL B 141 8.63 3.05 -4.84
C VAL B 141 7.41 3.06 -3.95
N TYR B 142 7.63 3.39 -2.68
CA TYR B 142 6.57 3.37 -1.68
C TYR B 142 6.55 4.74 -1.00
N LEU B 143 5.52 5.51 -1.32
CA LEU B 143 5.50 6.93 -0.98
C LEU B 143 4.40 7.25 -0.01
N GLY B 144 4.80 7.60 1.20
CA GLY B 144 3.85 8.04 2.22
C GLY B 144 3.30 9.41 1.85
N ILE B 145 2.00 9.54 1.74
CA ILE B 145 1.39 10.84 1.40
C ILE B 145 -0.09 10.85 1.82
N MET B 146 -0.55 11.96 2.39
CA MET B 146 -1.82 11.94 3.13
C MET B 146 -2.74 13.11 2.87
N SER B 147 -2.36 13.98 1.95
CA SER B 147 -3.19 15.13 1.62
C SER B 147 -3.12 15.50 0.13
N ASN B 148 -4.23 16.02 -0.35
CA ASN B 148 -4.42 16.35 -1.76
C ASN B 148 -5.19 17.67 -1.89
N GLU B 149 -4.50 18.78 -1.60
CA GLU B 149 -5.06 20.12 -1.40
C GLU B 149 -4.84 21.02 -2.65
N TYR B 150 -3.68 20.88 -3.27
CA TYR B 150 -3.28 21.77 -4.34
C TYR B 150 -4.20 21.56 -5.53
N GLY B 151 -4.50 20.29 -5.81
CA GLY B 151 -5.43 19.91 -6.88
C GLY B 151 -6.79 20.56 -6.69
N VAL B 152 -7.25 20.62 -5.44
CA VAL B 152 -8.50 21.29 -5.08
C VAL B 152 -8.40 22.77 -5.43
N MET B 153 -7.34 23.40 -4.91
CA MET B 153 -7.03 24.80 -5.21
C MET B 153 -7.08 25.12 -6.71
N LEU B 154 -6.63 24.21 -7.52
CA LEU B 154 -6.62 24.49 -8.92
C LEU B 154 -7.94 24.30 -9.70
N ASN B 155 -8.72 23.30 -9.33
CA ASN B 155 -9.93 22.91 -10.07
C ASN B 155 -11.00 23.97 -10.11
N ARG B 156 -10.84 25.01 -9.29
CA ARG B 156 -11.65 26.21 -9.40
C ARG B 156 -11.22 27.08 -10.60
N GLN B 157 -10.07 26.77 -11.19
CA GLN B 157 -9.74 27.18 -12.56
C GLN B 157 -9.93 26.07 -13.61
N SER B 158 -9.59 24.84 -13.24
CA SER B 158 -9.89 23.67 -14.09
C SER B 158 -10.93 22.78 -13.43
N THR B 163 -5.77 11.86 -13.75
CA THR B 163 -5.51 13.23 -13.29
C THR B 163 -4.09 13.36 -12.69
N GLY B 164 -3.52 14.55 -12.88
CA GLY B 164 -2.14 14.85 -12.52
C GLY B 164 -1.79 14.81 -11.05
N ASN B 165 -2.72 15.13 -10.16
CA ASN B 165 -2.36 15.21 -8.73
C ASN B 165 -2.86 14.11 -7.77
N SER B 166 -3.19 12.96 -8.30
CA SER B 166 -3.54 11.79 -7.50
C SER B 166 -2.32 11.26 -6.73
N PHE B 167 -2.60 10.62 -5.60
CA PHE B 167 -1.60 9.86 -4.88
C PHE B 167 -0.86 8.92 -5.84
N ALA B 168 -1.63 8.26 -6.72
CA ALA B 168 -1.07 7.29 -7.67
C ALA B 168 0.06 7.88 -8.50
N ILE B 169 -0.23 9.04 -9.08
CA ILE B 169 0.73 9.69 -9.96
C ILE B 169 1.91 10.17 -9.12
N ALA B 170 1.65 10.62 -7.89
CA ALA B 170 2.75 11.04 -7.01
C ALA B 170 3.78 9.94 -6.86
N ALA B 171 3.30 8.74 -6.55
CA ALA B 171 4.19 7.60 -6.34
C ALA B 171 4.95 7.28 -7.62
N ALA B 172 4.31 7.53 -8.76
CA ALA B 172 4.82 7.05 -10.04
C ALA B 172 5.73 8.02 -10.78
N ARG B 173 5.88 9.26 -10.32
CA ARG B 173 6.69 10.24 -11.07
C ARG B 173 8.17 9.78 -11.19
N ILE B 174 8.71 9.25 -10.11
CA ILE B 174 10.09 8.81 -10.12
C ILE B 174 10.30 7.62 -11.04
N PRO B 175 9.41 6.63 -10.99
CA PRO B 175 9.58 5.48 -11.87
C PRO B 175 9.46 5.84 -13.34
N TYR B 176 8.59 6.81 -13.63
CA TYR B 176 8.37 7.28 -14.98
C TYR B 176 9.59 8.06 -15.46
N PHE B 177 10.13 8.91 -14.59
CA PHE B 177 11.35 9.65 -14.94
C PHE B 177 12.56 8.73 -15.13
N LEU B 178 12.73 7.75 -14.25
CA LEU B 178 13.96 6.94 -14.27
C LEU B 178 13.76 5.56 -14.87
N ASN B 179 12.56 5.28 -15.35
CA ASN B 179 12.29 3.99 -15.96
C ASN B 179 12.54 2.81 -15.01
N LEU B 180 12.06 2.96 -13.78
CA LEU B 180 12.09 1.88 -12.81
C LEU B 180 10.94 0.93 -13.09
N LYS B 181 11.08 -0.32 -12.68
CA LYS B 181 10.10 -1.38 -12.98
C LYS B 181 9.43 -2.07 -11.78
N GLY B 182 9.76 -1.68 -10.56
CA GLY B 182 9.05 -2.21 -9.40
C GLY B 182 7.73 -1.48 -9.23
N PRO B 183 6.78 -2.10 -8.51
CA PRO B 183 5.53 -1.38 -8.25
C PRO B 183 5.74 0.01 -7.64
N ALA B 184 4.85 0.93 -7.95
CA ALA B 184 4.93 2.25 -7.38
C ALA B 184 3.60 2.51 -6.68
N ILE B 185 3.66 2.65 -5.37
CA ILE B 185 2.45 2.62 -4.56
C ILE B 185 2.49 3.76 -3.56
N PRO B 186 1.49 4.64 -3.58
CA PRO B 186 1.38 5.57 -2.50
C PRO B 186 0.76 4.88 -1.30
N ILE B 187 1.13 5.35 -0.12
CA ILE B 187 0.58 4.85 1.12
C ILE B 187 0.06 6.01 1.95
N ASP B 188 -1.23 5.94 2.25
CA ASP B 188 -1.86 6.86 3.19
C ASP B 188 -2.42 6.14 4.40
N THR B 189 -1.59 6.06 5.44
CA THR B 189 -2.05 5.65 6.75
C THR B 189 -1.81 6.82 7.70
N ALA B 190 -2.12 8.02 7.24
CA ALA B 190 -1.84 9.24 8.01
C ALA B 190 -0.37 9.24 8.46
N SER B 191 -0.10 9.52 9.73
CA SER B 191 1.29 9.71 10.19
C SER B 191 2.18 8.47 10.19
N SER B 192 1.61 7.29 10.09
CA SER B 192 2.47 6.08 10.06
C SER B 192 2.91 5.73 8.62
N SER B 193 2.51 6.57 7.66
CA SER B 193 2.59 6.22 6.23
C SER B 193 3.98 5.80 5.77
N SER B 194 4.97 6.67 5.97
CA SER B 194 6.30 6.39 5.46
C SER B 194 6.92 5.18 6.15
N LEU B 195 6.51 4.91 7.38
CA LEU B 195 7.02 3.73 8.08
C LEU B 195 6.30 2.45 7.67
N VAL B 196 5.01 2.56 7.35
CA VAL B 196 4.28 1.45 6.73
C VAL B 196 4.85 1.10 5.35
N GLY B 197 5.18 2.13 4.56
CA GLY B 197 5.88 1.93 3.28
C GLY B 197 7.21 1.19 3.42
N THR B 198 7.95 1.56 4.45
CA THR B 198 9.21 0.91 4.76
C THR B 198 9.01 -0.58 5.01
N HIS B 199 7.99 -0.94 5.76
CA HIS B 199 7.70 -2.35 6.00
C HIS B 199 7.37 -3.07 4.71
N LEU B 200 6.54 -2.47 3.87
CA LEU B 200 6.17 -3.13 2.65
C LEU B 200 7.38 -3.33 1.75
N ALA B 201 8.24 -2.32 1.68
CA ALA B 201 9.44 -2.42 0.85
C ALA B 201 10.34 -3.56 1.33
N ARG B 202 10.56 -3.59 2.63
CA ARG B 202 11.32 -4.67 3.25
C ARG B 202 10.81 -6.05 2.88
N GLN B 203 9.50 -6.27 2.99
CA GLN B 203 8.94 -7.58 2.66
C GLN B 203 9.11 -7.95 1.19
N ALA B 204 9.02 -6.96 0.31
CA ALA B 204 9.12 -7.23 -1.12
C ALA B 204 10.57 -7.54 -1.48
N LEU B 205 11.50 -6.89 -0.81
CA LEU B 205 12.91 -7.22 -1.01
C LEU B 205 13.22 -8.62 -0.54
N ILE B 206 12.74 -8.96 0.65
CA ILE B 206 13.04 -10.27 1.25
C ILE B 206 12.47 -11.40 0.40
N ASN B 207 11.26 -11.19 -0.08
CA ASN B 207 10.64 -12.08 -1.07
C ASN B 207 11.25 -12.13 -2.46
N LYS B 208 12.16 -11.20 -2.76
CA LYS B 208 12.79 -11.15 -4.09
C LYS B 208 11.87 -10.71 -5.22
N GLU B 209 10.81 -10.00 -4.87
CA GLU B 209 9.94 -9.39 -5.86
C GLU B 209 10.53 -8.12 -6.46
N ILE B 210 11.36 -7.43 -5.68
CA ILE B 210 12.09 -6.25 -6.19
C ILE B 210 13.55 -6.40 -5.77
N ASP B 211 14.45 -5.61 -6.35
CA ASP B 211 15.88 -5.67 -6.01
C ASP B 211 16.37 -4.40 -5.33
N MET B 212 15.48 -3.42 -5.26
CA MET B 212 15.78 -2.14 -4.68
C MET B 212 14.44 -1.49 -4.34
N ALA B 213 14.42 -0.64 -3.31
CA ALA B 213 13.26 0.19 -3.04
C ALA B 213 13.66 1.62 -2.76
N LEU B 214 12.82 2.53 -3.22
CA LEU B 214 12.81 3.89 -2.72
C LEU B 214 11.57 4.04 -1.86
N VAL B 215 11.77 4.30 -0.57
CA VAL B 215 10.66 4.57 0.33
C VAL B 215 10.77 6.01 0.78
N GLY B 216 9.64 6.68 0.85
CA GLY B 216 9.67 8.04 1.31
C GLY B 216 8.39 8.52 1.91
N GLY B 217 8.41 9.80 2.23
CA GLY B 217 7.26 10.48 2.74
C GLY B 217 7.38 11.94 2.42
N VAL B 218 6.24 12.57 2.40
CA VAL B 218 6.19 13.97 2.16
C VAL B 218 4.94 14.52 2.82
N SER B 219 5.05 15.70 3.44
CA SER B 219 3.88 16.42 3.97
C SER B 219 4.09 17.93 3.91
N LEU B 220 3.08 18.61 3.40
CA LEU B 220 2.98 20.06 3.44
C LEU B 220 1.55 20.40 3.86
N TYR B 221 1.37 21.55 4.48
CA TYR B 221 0.04 22.04 4.82
C TYR B 221 -0.22 23.31 4.02
N LEU B 222 -0.94 23.16 2.91
CA LEU B 222 -1.11 24.24 1.96
C LEU B 222 -2.32 25.10 2.25
N THR B 223 -3.24 24.58 3.05
CA THR B 223 -4.39 25.36 3.48
C THR B 223 -4.53 25.30 4.99
N PRO B 224 -5.13 26.34 5.59
CA PRO B 224 -5.44 26.36 7.02
C PRO B 224 -6.25 25.15 7.47
N GLU B 225 -7.08 24.62 6.59
CA GLU B 225 -7.95 23.46 6.88
C GLU B 225 -7.16 22.19 7.19
N SER B 226 -6.14 21.94 6.37
CA SER B 226 -5.22 20.81 6.50
C SER B 226 -4.39 20.89 7.79
N TYR B 227 -3.84 22.07 8.03
CA TYR B 227 -3.41 22.45 9.38
C TYR B 227 -4.75 22.49 10.14
N MET B 228 -4.76 22.14 11.43
CA MET B 228 -6.05 22.01 12.19
C MET B 228 -6.75 20.67 12.00
N SER B 229 -6.26 19.91 11.01
CA SER B 229 -6.67 18.52 10.90
C SER B 229 -5.65 17.81 11.75
N MET B 230 -4.40 18.26 11.65
CA MET B 230 -3.41 18.01 12.69
C MET B 230 -3.57 19.03 13.84
N CYS B 231 -3.68 18.51 15.07
CA CYS B 231 -4.28 19.23 16.23
C CYS B 231 -5.73 19.60 15.96
N GLY B 251 -2.33 19.04 21.13
CA GLY B 251 -1.38 20.08 20.73
C GLY B 251 -0.24 19.61 19.83
N PHE B 252 -0.51 18.63 18.97
CA PHE B 252 0.41 18.28 17.87
C PHE B 252 0.80 19.60 17.17
N VAL B 253 2.05 20.03 17.29
CA VAL B 253 2.53 21.11 16.43
C VAL B 253 2.82 20.54 15.05
N PRO B 254 1.96 20.82 14.06
CA PRO B 254 2.12 20.16 12.76
C PRO B 254 3.43 20.53 12.08
N GLY B 255 4.00 19.55 11.38
CA GLY B 255 5.29 19.72 10.73
C GLY B 255 5.25 19.30 9.27
N GLU B 256 6.05 19.98 8.48
CA GLU B 256 6.23 19.68 7.06
C GLU B 256 7.55 18.95 6.85
N GLY B 257 7.64 18.19 5.76
CA GLY B 257 8.90 17.59 5.41
C GLY B 257 8.80 16.68 4.23
N ALA B 258 9.96 16.22 3.78
CA ALA B 258 10.04 15.28 2.68
C ALA B 258 11.38 14.55 2.76
N GLY B 259 11.31 13.22 2.68
CA GLY B 259 12.50 12.40 2.82
C GLY B 259 12.39 11.11 2.04
N ALA B 260 13.55 10.54 1.72
CA ALA B 260 13.61 9.26 1.06
C ALA B 260 14.80 8.44 1.54
N LEU B 261 14.61 7.13 1.46
CA LEU B 261 15.63 6.15 1.75
C LEU B 261 15.71 5.21 0.55
N VAL B 262 16.91 4.70 0.30
CA VAL B 262 17.10 3.63 -0.67
C VAL B 262 17.47 2.35 0.09
N LEU B 263 16.70 1.29 -0.18
CA LEU B 263 16.90 -0.02 0.44
C LEU B 263 17.29 -1.10 -0.58
N LYS B 264 18.16 -2.02 -0.15
CA LYS B 264 18.49 -3.26 -0.87
C LYS B 264 18.64 -4.40 0.14
N ARG B 265 18.55 -5.64 -0.31
CA ARG B 265 18.97 -6.77 0.55
C ARG B 265 20.43 -6.59 0.93
N LEU B 266 20.80 -6.93 2.16
CA LEU B 266 22.15 -6.67 2.64
C LEU B 266 23.21 -7.34 1.77
N LYS B 267 23.00 -8.62 1.47
CA LYS B 267 23.94 -9.35 0.64
C LYS B 267 24.20 -8.67 -0.73
N ASP B 268 23.19 -8.07 -1.35
CA ASP B 268 23.42 -7.34 -2.62
C ASP B 268 24.20 -6.06 -2.41
N ALA B 269 23.92 -5.38 -1.30
CA ALA B 269 24.63 -4.15 -0.94
C ALA B 269 26.14 -4.37 -0.70
N GLU B 270 26.46 -5.49 -0.06
CA GLU B 270 27.86 -5.87 0.14
C GLU B 270 28.53 -6.26 -1.18
N ALA B 271 27.89 -7.14 -1.96
CA ALA B 271 28.44 -7.53 -3.26
C ALA B 271 28.66 -6.33 -4.18
N ASP B 272 27.72 -5.39 -4.20
CA ASP B 272 27.85 -4.24 -5.12
C ASP B 272 28.71 -3.13 -4.53
N ARG B 273 29.10 -3.28 -3.26
CA ARG B 273 30.04 -2.34 -2.62
C ARG B 273 29.38 -0.97 -2.34
N ASP B 274 28.09 -0.98 -2.05
CA ASP B 274 27.36 0.21 -1.64
C ASP B 274 27.88 0.68 -0.29
N HIS B 275 27.70 1.96 0.04
CA HIS B 275 27.89 2.36 1.40
C HIS B 275 26.57 2.22 2.16
N ILE B 276 26.68 1.72 3.38
CA ILE B 276 25.57 1.17 4.11
C ILE B 276 25.47 1.92 5.42
N TYR B 277 24.37 2.65 5.59
CA TYR B 277 24.15 3.49 6.76
C TYR B 277 23.68 2.68 7.94
N GLY B 278 23.05 1.55 7.65
CA GLY B 278 22.49 0.74 8.70
C GLY B 278 21.66 -0.36 8.08
N ILE B 279 21.08 -1.17 8.95
CA ILE B 279 20.40 -2.38 8.56
C ILE B 279 19.10 -2.48 9.31
N ILE B 280 18.02 -2.77 8.58
CA ILE B 280 16.75 -3.03 9.22
C ILE B 280 16.68 -4.52 9.52
N ILE B 281 16.56 -4.87 10.80
CA ILE B 281 16.59 -6.27 11.19
C ILE B 281 15.22 -6.75 11.63
N GLY B 282 14.26 -5.85 11.72
CA GLY B 282 12.90 -6.30 11.93
C GLY B 282 11.93 -5.19 11.62
N SER B 283 10.72 -5.54 11.24
CA SER B 283 9.65 -4.56 11.17
C SER B 283 8.32 -5.27 11.23
N GLY B 284 7.27 -4.52 11.58
CA GLY B 284 5.91 -5.02 11.57
C GLY B 284 4.90 -3.87 11.62
N ILE B 285 3.66 -4.17 11.25
CA ILE B 285 2.57 -3.19 11.22
C ILE B 285 1.33 -3.90 11.75
N ASN B 286 0.40 -3.14 12.32
CA ASN B 286 -0.88 -3.71 12.77
C ASN B 286 -1.95 -2.60 12.90
N GLN B 287 -3.13 -2.93 13.46
CA GLN B 287 -4.21 -1.95 13.76
C GLN B 287 -4.51 -1.93 15.27
N ASP B 288 -4.91 -0.76 15.71
CA ASP B 288 -5.53 -0.55 17.02
C ASP B 288 -6.83 -1.33 17.16
N GLY B 289 -7.57 -1.42 16.06
CA GLY B 289 -8.93 -1.96 16.08
C GLY B 289 -9.89 -1.01 16.79
N LYS B 290 -10.70 -1.57 17.67
CA LYS B 290 -11.68 -0.77 18.37
C LYS B 290 -11.06 -0.04 19.54
N THR B 291 -11.06 1.28 19.44
CA THR B 291 -10.57 2.13 20.50
C THR B 291 -11.69 3.10 20.85
N ASN B 292 -11.46 3.90 21.87
CA ASN B 292 -12.44 4.88 22.31
C ASN B 292 -12.29 6.14 21.44
N GLY B 293 -12.88 6.11 20.25
CA GLY B 293 -12.57 7.09 19.21
C GLY B 293 -11.39 6.67 18.34
N ILE B 294 -11.45 7.01 17.06
CA ILE B 294 -10.56 6.43 16.05
C ILE B 294 -9.12 6.94 16.18
N THR B 295 -8.98 8.12 16.78
CA THR B 295 -7.69 8.76 16.93
C THR B 295 -6.99 8.33 18.24
N ALA B 296 -7.70 7.59 19.07
CA ALA B 296 -7.11 7.16 20.35
C ALA B 296 -6.32 5.85 20.13
N PRO B 297 -5.18 5.70 20.82
CA PRO B 297 -4.33 4.52 20.61
C PRO B 297 -4.79 3.29 21.41
N SER B 298 -4.22 2.15 21.05
CA SER B 298 -4.47 0.92 21.78
C SER B 298 -3.16 0.44 22.40
N ALA B 299 -3.15 0.36 23.72
CA ALA B 299 -1.97 -0.07 24.46
C ALA B 299 -1.64 -1.51 24.10
N LYS B 300 -2.67 -2.35 24.00
CA LYS B 300 -2.47 -3.75 23.69
C LYS B 300 -1.93 -3.92 22.26
N SER B 301 -2.47 -3.13 21.34
CA SER B 301 -2.02 -3.20 19.94
C SER B 301 -0.54 -2.81 19.82
N GLN B 302 -0.11 -1.84 20.62
CA GLN B 302 1.28 -1.40 20.58
C GLN B 302 2.20 -2.47 21.12
N MET B 303 1.83 -3.02 22.28
CA MET B 303 2.56 -4.11 22.90
C MET B 303 2.60 -5.35 21.98
N ASP B 304 1.45 -5.75 21.43
CA ASP B 304 1.42 -6.90 20.49
C ASP B 304 2.36 -6.67 19.30
N LEU B 305 2.34 -5.46 18.76
CA LEU B 305 3.21 -5.09 17.65
C LEU B 305 4.67 -5.30 17.98
N GLU B 306 5.06 -4.75 19.11
CA GLU B 306 6.45 -4.70 19.50
C GLU B 306 6.90 -6.12 19.84
N ARG B 307 6.13 -6.78 20.71
CA ARG B 307 6.38 -8.18 21.05
C ARG B 307 6.48 -9.07 19.82
N ASP B 308 5.52 -8.98 18.90
CA ASP B 308 5.52 -9.88 17.74
C ASP B 308 6.76 -9.70 16.86
N ILE B 309 7.21 -8.46 16.69
CA ILE B 309 8.46 -8.21 15.98
C ILE B 309 9.68 -8.79 16.71
N TYR B 310 9.78 -8.56 18.02
CA TYR B 310 10.96 -9.02 18.78
C TYR B 310 11.03 -10.55 18.78
N GLU B 311 9.87 -11.18 18.93
CA GLU B 311 9.75 -12.64 18.82
C GLU B 311 10.11 -13.15 17.42
N THR B 312 9.44 -12.62 16.42
CA THR B 312 9.61 -13.14 15.08
C THR B 312 11.07 -13.09 14.63
N TYR B 313 11.76 -12.00 14.96
CA TYR B 313 13.15 -11.81 14.50
C TYR B 313 14.20 -12.06 15.58
N GLY B 314 13.80 -12.68 16.69
CA GLY B 314 14.72 -13.04 17.76
C GLY B 314 15.49 -11.87 18.37
N ILE B 315 14.82 -10.75 18.66
CA ILE B 315 15.53 -9.56 19.14
C ILE B 315 15.34 -9.48 20.65
N HIS B 316 16.42 -9.50 21.42
CA HIS B 316 16.29 -9.33 22.87
C HIS B 316 16.22 -7.83 23.18
N PRO B 317 15.22 -7.40 23.95
CA PRO B 317 15.06 -5.99 24.29
C PRO B 317 16.28 -5.31 24.95
N GLU B 318 17.06 -6.08 25.70
CA GLU B 318 18.32 -5.60 26.26
C GLU B 318 19.28 -5.12 25.18
N SER B 319 19.16 -5.64 23.97
CA SER B 319 20.06 -5.24 22.89
C SER B 319 19.73 -3.86 22.32
N ILE B 320 18.62 -3.28 22.77
CA ILE B 320 18.14 -2.00 22.24
C ILE B 320 18.46 -0.84 23.18
N SER B 321 19.20 0.16 22.68
CA SER B 321 19.66 1.31 23.51
C SER B 321 19.07 2.68 23.12
N TYR B 322 18.32 2.76 22.02
CA TYR B 322 17.54 3.97 21.74
C TYR B 322 16.23 3.62 21.05
N VAL B 323 15.16 4.34 21.39
CA VAL B 323 13.91 4.25 20.65
C VAL B 323 13.44 5.64 20.27
N GLU B 324 13.24 5.83 18.97
CA GLU B 324 12.67 7.07 18.48
C GLU B 324 11.15 6.91 18.55
N MET B 325 10.55 7.59 19.53
CA MET B 325 9.13 7.44 19.85
C MET B 325 8.27 8.04 18.75
N HIS B 326 7.04 7.58 18.67
CA HIS B 326 6.02 8.29 17.90
C HIS B 326 5.73 9.63 18.52
N GLY B 327 5.57 9.65 19.84
CA GLY B 327 5.01 10.81 20.49
C GLY B 327 6.13 11.61 21.10
N THR B 328 5.81 12.82 21.48
CA THR B 328 6.78 13.77 21.99
C THR B 328 6.87 13.63 23.52
N GLY B 329 5.85 13.00 24.09
CA GLY B 329 5.77 12.75 25.53
C GLY B 329 4.71 13.60 26.20
N THR B 330 4.09 14.48 25.43
CA THR B 330 3.36 15.60 25.99
C THR B 330 1.92 15.64 25.48
N LYS B 331 1.57 14.75 24.58
CA LYS B 331 0.19 14.63 24.06
C LYS B 331 -0.59 13.50 24.78
N GLN B 332 -1.92 13.53 24.65
CA GLN B 332 -2.87 12.53 25.21
C GLN B 332 -2.53 11.03 25.16
N GLY B 333 -1.97 10.60 24.04
CA GLY B 333 -1.75 9.17 23.77
C GLY B 333 -0.38 8.74 24.29
N ASP B 334 0.44 9.70 24.72
CA ASP B 334 1.88 9.48 24.94
C ASP B 334 2.25 8.66 26.20
N PRO B 335 1.49 8.81 27.31
CA PRO B 335 1.68 7.89 28.43
C PRO B 335 1.49 6.43 28.04
N ILE B 336 0.51 6.15 27.18
CA ILE B 336 0.27 4.80 26.69
C ILE B 336 1.48 4.24 25.93
N GLU B 337 2.07 5.04 25.05
CA GLU B 337 3.22 4.58 24.28
C GLU B 337 4.36 4.19 25.23
N LEU B 338 4.57 5.00 26.26
CA LEU B 338 5.63 4.77 27.22
C LEU B 338 5.40 3.46 27.96
N GLU B 339 4.18 3.28 28.47
CA GLU B 339 3.83 2.07 29.25
C GLU B 339 3.95 0.82 28.39
N ALA B 340 3.44 0.87 27.17
CA ALA B 340 3.47 -0.29 26.30
C ALA B 340 4.92 -0.74 26.07
N LEU B 341 5.76 0.18 25.65
CA LEU B 341 7.13 -0.17 25.32
C LEU B 341 7.86 -0.73 26.54
N SER B 342 7.69 -0.04 27.66
CA SER B 342 8.30 -0.42 28.92
C SER B 342 7.87 -1.83 29.38
N THR B 343 6.58 -2.12 29.33
CA THR B 343 6.06 -3.44 29.68
C THR B 343 6.65 -4.53 28.79
N VAL B 344 6.68 -4.31 27.48
CA VAL B 344 7.24 -5.33 26.57
C VAL B 344 8.70 -5.61 26.89
N PHE B 345 9.49 -4.55 27.07
CA PHE B 345 10.89 -4.69 27.52
C PHE B 345 10.99 -5.46 28.85
N GLN B 346 10.14 -5.12 29.82
CA GLN B 346 10.24 -5.75 31.14
C GLN B 346 9.88 -7.23 31.16
N GLU B 347 9.11 -7.67 30.18
CA GLU B 347 8.84 -9.09 30.06
C GLU B 347 10.13 -9.90 29.95
N LYS B 348 11.20 -9.27 29.47
CA LYS B 348 12.44 -10.00 29.16
C LYS B 348 13.67 -9.58 29.92
N THR B 349 13.58 -8.49 30.68
CA THR B 349 14.73 -8.02 31.45
C THR B 349 14.33 -7.19 32.67
N ASP B 350 15.11 -7.32 33.74
CA ASP B 350 14.98 -6.52 34.96
C ASP B 350 15.99 -5.37 34.99
N LYS B 351 16.81 -5.28 33.94
CA LYS B 351 17.72 -4.15 33.78
C LYS B 351 16.99 -2.82 33.60
N LYS B 352 17.58 -1.78 34.17
CA LYS B 352 16.93 -0.49 34.35
C LYS B 352 17.65 0.59 33.59
N GLN B 353 16.87 1.45 32.95
CA GLN B 353 17.35 2.67 32.33
C GLN B 353 18.53 2.45 31.41
N PHE B 354 18.46 1.40 30.60
CA PHE B 354 19.51 1.14 29.61
C PHE B 354 19.13 1.64 28.22
N CYS B 355 17.86 2.03 28.05
CA CYS B 355 17.35 2.45 26.73
C CYS B 355 16.90 3.90 26.72
N ALA B 356 17.63 4.72 25.98
CA ALA B 356 17.26 6.12 25.80
C ALA B 356 16.03 6.22 24.90
N ILE B 357 15.16 7.17 25.19
CA ILE B 357 14.10 7.52 24.27
C ILE B 357 14.09 9.02 23.96
N GLY B 358 13.43 9.36 22.85
CA GLY B 358 13.30 10.74 22.38
C GLY B 358 12.43 10.79 21.12
N SER B 359 12.27 12.00 20.58
CA SER B 359 11.50 12.24 19.36
C SER B 359 11.96 13.53 18.70
N VAL B 360 12.32 13.43 17.42
CA VAL B 360 12.68 14.59 16.60
C VAL B 360 11.50 15.54 16.35
N LYS B 361 10.30 15.10 16.69
CA LYS B 361 9.13 15.97 16.61
C LYS B 361 9.26 17.14 17.57
N SER B 362 10.05 16.97 18.63
CA SER B 362 10.37 18.08 19.54
C SER B 362 11.23 19.14 18.82
N ASN B 363 11.93 18.74 17.76
CA ASN B 363 12.76 19.67 16.99
C ASN B 363 12.06 20.28 15.80
N ILE B 364 11.35 19.46 15.04
CA ILE B 364 10.83 19.88 13.73
C ILE B 364 9.29 19.84 13.58
N GLY B 365 8.60 19.55 14.68
CA GLY B 365 7.16 19.45 14.65
C GLY B 365 6.75 18.03 14.34
N HIS B 366 5.45 17.76 14.44
CA HIS B 366 4.88 16.45 14.06
C HIS B 366 4.67 16.39 12.55
N THR B 367 5.62 15.78 11.82
CA THR B 367 5.62 15.89 10.33
C THR B 367 4.75 14.88 9.52
N SER B 368 3.71 14.34 10.13
CA SER B 368 2.69 13.61 9.35
C SER B 368 3.30 12.45 8.57
N ALA B 369 2.99 12.33 7.28
CA ALA B 369 3.42 11.17 6.47
C ALA B 369 4.94 10.98 6.42
N ALA B 370 5.68 12.08 6.50
CA ALA B 370 7.15 12.05 6.51
C ALA B 370 7.78 11.71 7.87
N ALA B 371 6.97 11.52 8.91
CA ALA B 371 7.47 11.26 10.26
C ALA B 371 8.41 10.06 10.34
N GLY B 372 7.99 8.97 9.71
CA GLY B 372 8.74 7.73 9.74
C GLY B 372 10.13 7.91 9.17
N VAL B 373 10.21 8.50 7.98
CA VAL B 373 11.47 8.64 7.30
C VAL B 373 12.38 9.67 8.01
N ALA B 374 11.79 10.74 8.52
CA ALA B 374 12.53 11.67 9.38
C ALA B 374 13.15 11.00 10.62
N GLY B 375 12.35 10.17 11.30
CA GLY B 375 12.82 9.39 12.46
C GLY B 375 13.91 8.37 12.15
N VAL B 376 13.73 7.64 11.06
CA VAL B 376 14.74 6.67 10.64
C VAL B 376 16.06 7.37 10.32
N GLN B 377 15.99 8.45 9.58
CA GLN B 377 17.18 9.22 9.24
C GLN B 377 17.91 9.77 10.49
N LYS B 378 17.17 10.24 11.49
CA LYS B 378 17.77 10.65 12.73
C LYS B 378 18.55 9.48 13.35
N VAL B 379 17.92 8.32 13.41
CA VAL B 379 18.55 7.18 14.04
C VAL B 379 19.84 6.80 13.34
N LEU B 380 19.81 6.79 12.00
CA LEU B 380 20.98 6.40 11.23
C LEU B 380 22.11 7.39 11.47
N LEU B 381 21.77 8.67 11.50
CA LEU B 381 22.77 9.71 11.71
C LEU B 381 23.39 9.60 13.10
N CYS B 382 22.58 9.25 14.09
CA CYS B 382 23.08 8.99 15.43
C CYS B 382 24.03 7.80 15.43
N MET B 383 23.70 6.75 14.67
CA MET B 383 24.56 5.56 14.65
C MET B 383 25.89 5.84 13.95
N ASN B 384 25.81 6.52 12.81
CA ASN B 384 26.98 6.86 12.03
C ASN B 384 28.00 7.68 12.82
N HIS B 385 27.52 8.63 13.62
CA HIS B 385 28.38 9.44 14.49
C HIS B 385 28.57 8.86 15.90
N LYS B 386 27.96 7.71 16.18
CA LYS B 386 27.99 7.10 17.51
C LYS B 386 27.67 8.06 18.62
N THR B 387 26.60 8.81 18.41
CA THR B 387 26.26 9.94 19.26
C THR B 387 24.75 9.97 19.47
N LEU B 388 24.32 10.09 20.73
CA LEU B 388 22.91 10.36 21.03
C LEU B 388 22.75 11.86 21.22
N VAL B 389 21.59 12.37 20.84
CA VAL B 389 21.34 13.82 20.82
C VAL B 389 20.12 14.10 21.67
N PRO B 390 19.98 15.34 22.15
CA PRO B 390 18.85 15.62 23.04
C PRO B 390 17.51 15.48 22.34
N THR B 391 16.50 15.19 23.14
CA THR B 391 15.11 15.47 22.81
C THR B 391 14.64 16.60 23.72
N LEU B 392 13.83 17.49 23.17
CA LEU B 392 13.55 18.80 23.79
C LEU B 392 12.22 18.74 24.52
N ASN B 393 12.14 19.48 25.64
CA ASN B 393 10.86 19.73 26.32
C ASN B 393 10.02 18.49 26.59
N PHE B 394 10.62 17.43 27.10
CA PHE B 394 9.88 16.18 27.30
C PHE B 394 8.92 16.21 28.49
N PHE B 401 5.04 9.29 34.67
CA PHE B 401 5.41 7.86 34.53
C PHE B 401 6.71 7.69 35.31
N GLU B 402 6.98 6.50 35.83
CA GLU B 402 8.10 6.31 36.74
C GLU B 402 9.34 5.67 36.09
N PHE B 403 10.19 6.52 35.53
CA PHE B 403 11.37 6.09 34.75
C PHE B 403 12.36 5.27 35.53
N GLU B 404 12.51 5.62 36.81
CA GLU B 404 13.54 5.07 37.68
C GLU B 404 13.49 3.55 37.69
N HIS B 405 12.27 3.01 37.73
CA HIS B 405 12.09 1.57 37.78
C HIS B 405 11.74 1.00 36.40
N SER B 406 12.16 1.69 35.34
CA SER B 406 11.87 1.21 34.00
C SER B 406 13.15 0.97 33.22
N PRO B 407 13.04 0.26 32.09
CA PRO B 407 14.14 0.07 31.14
C PRO B 407 14.61 1.36 30.47
N LEU B 408 13.77 2.38 30.54
CA LEU B 408 13.91 3.57 29.72
C LEU B 408 14.44 4.77 30.49
N TYR B 409 15.09 5.68 29.76
CA TYR B 409 15.29 7.07 30.20
C TYR B 409 15.17 8.05 29.03
N VAL B 410 14.77 9.27 29.37
CA VAL B 410 14.66 10.35 28.41
C VAL B 410 16.03 10.98 28.24
N ASN B 411 16.62 10.87 27.07
CA ASN B 411 17.92 11.45 26.89
C ASN B 411 17.83 12.91 26.51
N THR B 412 18.36 13.78 27.37
CA THR B 412 18.32 15.21 27.15
C THR B 412 19.70 15.75 26.85
N GLU B 413 20.69 14.87 26.79
CA GLU B 413 22.03 15.34 26.48
C GLU B 413 22.62 14.87 25.15
N LEU B 414 23.58 15.68 24.69
CA LEU B 414 24.49 15.34 23.63
C LEU B 414 25.65 14.54 24.22
N LYS B 415 25.74 13.27 23.86
CA LYS B 415 26.73 12.39 24.45
C LYS B 415 27.08 11.25 23.52
N PRO B 416 28.20 10.58 23.80
CA PRO B 416 28.54 9.40 23.01
C PRO B 416 27.49 8.31 23.20
N TRP B 417 27.25 7.58 22.12
CA TRP B 417 26.33 6.47 22.16
C TRP B 417 27.13 5.21 22.50
N GLU B 418 27.03 4.73 23.72
CA GLU B 418 27.81 3.60 24.18
C GLU B 418 27.33 2.19 23.85
N THR B 419 28.28 1.28 23.64
CA THR B 419 27.97 -0.13 23.43
C THR B 419 28.78 -0.96 24.39
N ALA B 420 28.29 -2.15 24.62
CA ALA B 420 28.85 -3.13 25.52
C ALA B 420 30.20 -3.66 25.19
N ASP B 421 30.30 -4.42 24.12
CA ASP B 421 31.59 -4.99 23.78
C ASP B 421 31.63 -5.36 22.34
N GLY B 422 31.85 -4.35 21.52
CA GLY B 422 31.89 -4.57 20.11
C GLY B 422 30.52 -4.77 19.53
N LYS B 423 29.51 -5.03 20.35
CA LYS B 423 28.20 -5.24 19.83
C LYS B 423 27.67 -4.05 19.07
N PRO B 424 26.98 -4.30 17.97
CA PRO B 424 26.43 -3.18 17.23
C PRO B 424 25.29 -2.51 17.97
N ARG B 425 25.15 -1.21 17.79
CA ARG B 425 24.06 -0.47 18.39
C ARG B 425 22.75 -0.83 17.68
N ARG B 426 21.69 -0.90 18.45
CA ARG B 426 20.36 -1.22 17.95
C ARG B 426 19.39 -0.18 18.47
N ALA B 427 18.47 0.22 17.59
CA ALA B 427 17.42 1.18 17.94
C ALA B 427 16.13 0.87 17.19
N CYS B 428 15.03 1.40 17.70
CA CYS B 428 13.73 1.22 17.06
C CYS B 428 13.19 2.58 16.65
N VAL B 429 12.21 2.55 15.75
CA VAL B 429 11.39 3.71 15.46
C VAL B 429 9.94 3.28 15.48
N SER B 430 9.10 4.10 16.09
CA SER B 430 7.67 3.83 16.12
C SER B 430 6.91 4.92 15.41
N SER B 431 5.83 4.55 14.76
CA SER B 431 5.02 5.54 14.03
C SER B 431 3.57 5.04 13.97
N PHE B 432 2.69 5.77 14.65
CA PHE B 432 1.27 5.39 14.87
C PHE B 432 0.28 6.46 14.39
N GLY B 433 -0.63 6.14 13.46
CA GLY B 433 -1.41 7.21 12.78
C GLY B 433 -2.82 7.43 13.33
N TYR B 434 -3.50 8.55 12.94
CA TYR B 434 -4.91 8.83 13.35
C TYR B 434 -5.84 7.72 12.91
N SER B 435 -5.49 7.01 11.88
CA SER B 435 -6.44 5.98 11.52
C SER B 435 -6.19 4.62 12.19
N GLY B 436 -5.22 4.55 13.10
CA GLY B 436 -5.02 3.33 13.91
C GLY B 436 -4.11 2.29 13.29
N THR B 437 -3.48 2.59 12.16
CA THR B 437 -2.53 1.65 11.58
C THR B 437 -1.12 1.97 12.06
N ASN B 438 -0.51 1.01 12.72
CA ASN B 438 0.75 1.22 13.42
C ASN B 438 1.90 0.56 12.70
N ALA B 439 3.09 1.12 12.86
CA ALA B 439 4.34 0.53 12.39
C ALA B 439 5.47 0.66 13.43
N HIS B 440 6.40 -0.29 13.40
CA HIS B 440 7.58 -0.31 14.29
C HIS B 440 8.70 -1.06 13.56
N ILE B 441 9.92 -0.59 13.71
CA ILE B 441 11.02 -1.12 12.91
C ILE B 441 12.24 -1.10 13.81
N VAL B 442 13.12 -2.06 13.60
CA VAL B 442 14.32 -2.20 14.41
C VAL B 442 15.50 -2.08 13.48
N ILE B 443 16.42 -1.21 13.86
CA ILE B 443 17.59 -0.90 13.03
C ILE B 443 18.87 -1.25 13.78
N GLU B 444 19.83 -1.78 13.06
CA GLU B 444 21.11 -2.16 13.65
C GLU B 444 22.25 -1.48 12.91
N GLU B 445 23.16 -0.92 13.67
CA GLU B 445 24.41 -0.36 13.15
C GLU B 445 25.14 -1.37 12.27
N TYR B 446 25.54 -0.91 11.10
CA TYR B 446 26.37 -1.71 10.23
C TYR B 446 27.84 -1.56 10.60
N GLN B 447 28.53 -2.69 10.67
CA GLN B 447 29.91 -2.75 11.13
C GLN B 447 30.78 -3.29 10.00
N PRO B 448 31.38 -2.39 9.22
CA PRO B 448 32.02 -2.87 7.99
C PRO B 448 33.23 -3.77 8.23
N GLU B 449 33.57 -4.53 7.20
CA GLU B 449 34.86 -5.19 7.09
C GLU B 449 35.82 -4.13 6.55
N LYS B 450 36.18 -3.16 7.38
CA LYS B 450 37.29 -2.25 7.03
C LYS B 450 38.59 -2.83 7.58
N SER B 461 47.59 11.45 -7.18
CA SER B 461 46.73 12.40 -7.91
C SER B 461 45.41 11.73 -8.30
N ALA B 462 44.30 12.36 -7.95
CA ALA B 462 42.99 11.85 -8.30
C ALA B 462 42.29 12.84 -9.21
N LEU B 463 41.39 12.31 -10.03
CA LEU B 463 40.70 13.08 -11.04
C LEU B 463 39.26 13.33 -10.59
N PHE B 464 38.92 14.60 -10.39
CA PHE B 464 37.60 14.98 -9.89
C PHE B 464 36.79 15.50 -11.06
N VAL B 465 35.53 15.08 -11.13
CA VAL B 465 34.65 15.46 -12.23
C VAL B 465 33.29 15.88 -11.68
N LEU B 466 32.71 16.91 -12.29
CA LEU B 466 31.39 17.40 -11.96
C LEU B 466 30.68 17.81 -13.23
N SER B 467 29.37 17.56 -13.25
CA SER B 467 28.56 17.95 -14.38
C SER B 467 27.16 18.32 -13.94
N ALA B 468 26.54 19.20 -14.71
CA ALA B 468 25.18 19.67 -14.46
C ALA B 468 24.50 19.94 -15.80
N LYS B 469 23.19 20.20 -15.79
CA LYS B 469 22.42 20.42 -17.02
C LYS B 469 22.40 21.88 -17.46
N LYS B 470 22.79 22.78 -16.54
CA LYS B 470 23.02 24.19 -16.85
C LYS B 470 24.26 24.67 -16.14
N GLU B 471 24.93 25.66 -16.72
CA GLU B 471 26.19 26.09 -16.17
C GLU B 471 26.03 26.67 -14.78
N LYS B 472 24.91 27.33 -14.56
CA LYS B 472 24.62 27.94 -13.28
C LYS B 472 24.52 26.88 -12.18
N GLN B 473 23.97 25.72 -12.53
CA GLN B 473 23.91 24.62 -11.58
C GLN B 473 25.27 23.95 -11.40
N LEU B 474 26.09 23.96 -12.45
CA LEU B 474 27.45 23.44 -12.30
C LEU B 474 28.22 24.24 -11.27
N LYS B 475 28.19 25.56 -11.38
CA LYS B 475 28.78 26.42 -10.37
C LYS B 475 28.26 26.16 -8.96
N ALA B 476 26.94 25.99 -8.81
CA ALA B 476 26.37 25.69 -7.50
C ALA B 476 26.86 24.33 -7.01
N TYR B 477 27.05 23.39 -7.92
CA TYR B 477 27.59 22.07 -7.57
C TYR B 477 28.98 22.24 -6.98
N ALA B 478 29.82 23.04 -7.64
CA ALA B 478 31.22 23.20 -7.24
C ALA B 478 31.27 23.87 -5.85
N GLU B 479 30.35 24.79 -5.57
CA GLU B 479 30.29 25.37 -4.22
C GLU B 479 29.84 24.35 -3.16
N ALA B 480 28.83 23.53 -3.47
CA ALA B 480 28.40 22.52 -2.53
C ALA B 480 29.54 21.54 -2.26
N MET B 481 30.33 21.21 -3.29
CA MET B 481 31.47 20.30 -3.06
C MET B 481 32.57 20.95 -2.22
N LYS B 482 32.83 22.24 -2.48
CA LYS B 482 33.85 22.95 -1.73
C LYS B 482 33.48 23.05 -0.26
N ASP B 483 32.22 23.42 0.00
CA ASP B 483 31.69 23.47 1.38
C ASP B 483 31.83 22.16 2.08
N PHE B 484 31.48 21.10 1.37
CA PHE B 484 31.57 19.76 1.94
C PHE B 484 33.01 19.37 2.28
N VAL B 485 33.95 19.69 1.39
CA VAL B 485 35.33 19.33 1.66
C VAL B 485 35.87 20.15 2.83
N THR B 486 35.52 21.44 2.84
CA THR B 486 35.89 22.35 3.91
C THR B 486 35.33 21.92 5.29
N SER B 487 34.10 21.44 5.34
CA SER B 487 33.52 20.93 6.58
C SER B 487 34.05 19.55 7.01
N ASN B 488 34.64 18.82 6.07
CA ASN B 488 34.96 17.42 6.33
C ASN B 488 36.44 17.15 6.12
N GLU B 489 37.25 17.49 7.13
CA GLU B 489 38.70 17.31 7.02
C GLU B 489 39.07 15.85 6.76
N ASP B 490 38.20 14.93 7.17
CA ASP B 490 38.48 13.49 7.10
C ASP B 490 38.29 12.83 5.72
N ILE B 491 37.75 13.55 4.73
CA ILE B 491 37.30 12.87 3.50
C ILE B 491 38.48 12.15 2.87
N ASP B 492 38.22 10.93 2.45
CA ASP B 492 39.13 10.17 1.62
C ASP B 492 38.98 10.64 0.17
N LEU B 493 40.04 11.21 -0.39
CA LEU B 493 39.94 11.92 -1.68
C LEU B 493 39.62 10.93 -2.79
N GLU B 494 40.20 9.74 -2.70
CA GLU B 494 40.07 8.75 -3.75
C GLU B 494 38.64 8.23 -3.80
N ASP B 495 38.02 8.03 -2.63
CA ASP B 495 36.61 7.64 -2.56
C ASP B 495 35.75 8.75 -3.18
N MET B 496 36.08 9.99 -2.88
CA MET B 496 35.30 11.09 -3.38
C MET B 496 35.31 11.15 -4.91
N ALA B 497 36.51 11.10 -5.49
CA ALA B 497 36.66 11.11 -6.96
C ALA B 497 35.99 9.92 -7.62
N TYR B 498 36.19 8.74 -7.05
CA TYR B 498 35.58 7.52 -7.57
C TYR B 498 34.07 7.69 -7.62
N THR B 499 33.54 8.28 -6.56
CA THR B 499 32.10 8.48 -6.41
C THR B 499 31.60 9.44 -7.46
N LEU B 500 32.37 10.49 -7.71
CA LEU B 500 32.05 11.47 -8.74
C LEU B 500 32.19 10.89 -10.15
N GLN B 501 33.15 10.02 -10.35
CA GLN B 501 33.29 9.31 -11.62
C GLN B 501 32.12 8.37 -11.90
N THR B 502 31.84 7.46 -10.98
CA THR B 502 31.00 6.29 -11.25
C THR B 502 29.59 6.43 -10.70
N GLY B 503 29.41 7.38 -9.79
CA GLY B 503 28.16 7.49 -9.04
C GLY B 503 27.35 8.72 -9.38
N ARG B 504 27.74 9.43 -10.44
CA ARG B 504 26.95 10.56 -10.94
C ARG B 504 26.87 10.41 -12.43
N GLU B 505 25.76 10.84 -13.01
CA GLU B 505 25.62 10.92 -14.47
C GLU B 505 26.44 12.10 -15.04
N ALA B 506 27.14 11.83 -16.13
CA ALA B 506 27.85 12.86 -16.90
C ALA B 506 26.84 13.66 -17.70
N MET B 507 26.56 14.87 -17.25
CA MET B 507 25.61 15.75 -17.91
C MET B 507 26.38 16.74 -18.79
N ASP B 508 25.67 17.66 -19.45
CA ASP B 508 26.22 18.39 -20.60
C ASP B 508 27.21 19.49 -20.22
N TYR B 509 27.04 20.14 -19.08
CA TYR B 509 27.99 21.17 -18.65
C TYR B 509 28.95 20.56 -17.66
N ARG B 510 30.24 20.62 -17.98
CA ARG B 510 31.23 19.67 -17.45
C ARG B 510 32.48 20.41 -16.94
N MET B 511 33.01 19.97 -15.80
CA MET B 511 34.31 20.43 -15.33
C MET B 511 35.03 19.34 -14.58
N ALA B 512 36.36 19.40 -14.66
CA ALA B 512 37.21 18.39 -14.08
C ALA B 512 38.56 18.97 -13.71
N PHE B 513 39.17 18.38 -12.70
CA PHE B 513 40.50 18.78 -12.29
C PHE B 513 41.18 17.68 -11.50
N LEU B 514 42.50 17.83 -11.41
CA LEU B 514 43.35 16.93 -10.66
C LEU B 514 43.65 17.53 -9.30
N ALA B 515 43.82 16.68 -8.29
CA ALA B 515 44.28 17.14 -6.98
C ALA B 515 44.82 15.97 -6.20
N ASP B 516 45.89 16.22 -5.45
CA ASP B 516 46.53 15.16 -4.67
C ASP B 516 46.48 15.41 -3.17
N SER B 517 45.74 16.42 -2.78
CA SER B 517 45.60 16.72 -1.38
C SER B 517 44.38 17.58 -1.19
N ARG B 518 43.92 17.59 0.03
CA ARG B 518 42.72 18.29 0.42
C ARG B 518 42.87 19.75 0.05
N GLU B 519 44.07 20.26 0.23
CA GLU B 519 44.35 21.68 0.07
C GLU B 519 44.36 22.07 -1.42
N MET B 520 44.95 21.21 -2.23
CA MET B 520 44.90 21.37 -3.69
C MET B 520 43.44 21.31 -4.18
N LEU B 521 42.64 20.41 -3.58
CA LEU B 521 41.24 20.21 -3.97
C LEU B 521 40.41 21.47 -3.73
N ILE B 522 40.55 22.04 -2.55
CA ILE B 522 39.86 23.28 -2.22
C ILE B 522 40.35 24.39 -3.13
N LYS B 523 41.66 24.42 -3.37
CA LYS B 523 42.21 25.48 -4.20
C LYS B 523 41.65 25.43 -5.63
N ALA B 524 41.62 24.24 -6.23
CA ALA B 524 41.04 24.09 -7.58
C ALA B 524 39.58 24.53 -7.59
N LEU B 525 38.81 24.09 -6.61
CA LEU B 525 37.40 24.49 -6.57
C LEU B 525 37.31 26.01 -6.41
N ASP B 526 38.15 26.57 -5.56
CA ASP B 526 38.12 28.01 -5.36
C ASP B 526 38.52 28.76 -6.63
N ASP B 527 39.57 28.29 -7.31
CA ASP B 527 39.96 28.92 -8.58
C ASP B 527 38.87 28.81 -9.62
N TYR B 528 38.19 27.68 -9.67
CA TYR B 528 37.12 27.50 -10.65
C TYR B 528 36.03 28.52 -10.37
N LEU B 529 35.67 28.68 -9.11
CA LEU B 529 34.61 29.61 -8.77
C LEU B 529 35.06 31.05 -8.99
N ALA B 530 36.31 31.37 -8.66
CA ALA B 530 36.80 32.75 -8.79
C ALA B 530 37.32 33.06 -10.20
N GLU B 531 37.30 32.08 -11.09
CA GLU B 531 37.82 32.27 -12.46
C GLU B 531 39.30 32.66 -12.47
N MET B 532 40.03 32.10 -11.53
CA MET B 532 41.46 32.19 -11.53
C MET B 532 42.02 31.05 -12.41
N PRO B 533 42.81 31.37 -13.47
CA PRO B 533 43.41 30.27 -14.22
C PRO B 533 44.23 29.33 -13.35
N ASN B 534 44.22 28.07 -13.76
CA ASN B 534 44.80 26.97 -13.01
C ASN B 534 44.88 25.86 -14.07
N GLY B 535 46.08 25.31 -14.24
CA GLY B 535 46.38 24.45 -15.39
C GLY B 535 45.87 23.06 -15.11
N SER B 536 45.42 22.82 -13.88
CA SER B 536 44.89 21.52 -13.51
C SER B 536 43.38 21.43 -13.71
N ILE B 537 42.78 22.49 -14.28
CA ILE B 537 41.32 22.62 -14.40
C ILE B 537 40.88 22.66 -15.86
N PHE B 538 39.87 21.85 -16.17
CA PHE B 538 39.28 21.74 -17.50
C PHE B 538 37.76 21.90 -17.42
N ALA B 539 37.18 22.42 -18.49
CA ALA B 539 35.77 22.76 -18.50
C ALA B 539 35.30 22.85 -19.95
N ALA B 540 34.10 22.35 -20.20
CA ALA B 540 33.47 22.54 -21.49
C ALA B 540 31.99 22.22 -21.42
N HIS B 541 31.31 22.62 -22.48
CA HIS B 541 29.92 22.29 -22.74
C HIS B 541 29.85 21.30 -23.90
N VAL B 542 29.20 20.14 -23.70
CA VAL B 542 29.25 19.01 -24.67
C VAL B 542 28.89 19.30 -26.14
N LYS B 543 27.81 20.03 -26.44
CA LYS B 543 27.46 20.32 -27.87
C LYS B 543 27.23 19.04 -28.71
N THR B 544 27.90 18.93 -29.86
CA THR B 544 28.06 17.64 -30.58
C THR B 544 29.47 17.48 -31.17
N LYS B 545 30.42 17.02 -30.34
CA LYS B 545 31.86 17.28 -30.57
C LYS B 545 32.50 16.40 -31.63
N LYS B 546 33.68 16.81 -32.10
CA LYS B 546 34.38 16.13 -33.19
C LYS B 546 35.65 15.37 -32.74
N SER B 547 35.42 14.20 -32.14
CA SER B 547 36.49 13.34 -31.66
C SER B 547 36.70 12.14 -32.60
N GLU B 548 37.94 11.98 -33.04
CA GLU B 548 38.31 10.87 -33.93
C GLU B 548 38.50 9.57 -33.14
N ILE B 549 38.46 9.69 -31.81
CA ILE B 549 38.70 8.54 -30.94
C ILE B 549 37.51 7.61 -30.94
N LYS B 550 36.37 8.11 -30.51
CA LYS B 550 35.13 7.32 -30.50
C LYS B 550 35.15 6.17 -31.51
N ASP B 555 39.66 5.58 -34.63
CA ASP B 555 38.73 4.93 -33.72
C ASP B 555 39.45 3.83 -32.96
N HIS B 556 40.24 3.03 -33.67
CA HIS B 556 40.90 1.88 -33.04
C HIS B 556 42.23 2.31 -32.44
N ASP B 557 43.09 2.85 -33.29
CA ASP B 557 44.41 3.32 -32.84
C ASP B 557 44.28 4.39 -31.77
N ALA B 558 43.25 5.23 -31.91
CA ALA B 558 43.02 6.31 -30.96
C ALA B 558 42.56 5.75 -29.61
N LYS B 559 41.77 4.69 -29.65
CA LYS B 559 41.28 4.04 -28.42
C LYS B 559 42.43 3.43 -27.65
N ALA B 560 43.33 2.79 -28.38
CA ALA B 560 44.51 2.16 -27.77
C ALA B 560 45.40 3.19 -27.09
N LEU B 561 45.46 4.39 -27.67
CA LEU B 561 46.24 5.49 -27.07
C LEU B 561 45.58 5.94 -25.76
N LEU B 562 44.28 6.20 -25.80
CA LEU B 562 43.56 6.55 -24.57
C LEU B 562 43.96 5.58 -23.45
N GLN B 563 43.82 4.28 -23.72
CA GLN B 563 44.18 3.24 -22.75
C GLN B 563 45.61 3.45 -22.25
N THR B 564 46.52 3.68 -23.18
CA THR B 564 47.92 3.93 -22.85
C THR B 564 48.05 5.09 -21.87
N TRP B 565 47.26 6.14 -22.09
CA TRP B 565 47.23 7.30 -21.20
C TRP B 565 46.73 6.96 -19.80
N ILE B 566 45.70 6.13 -19.73
CA ILE B 566 45.15 5.68 -18.46
C ILE B 566 46.21 4.94 -17.63
N GLU B 567 46.74 3.88 -18.22
CA GLU B 567 47.71 3.04 -17.53
C GLU B 567 49.00 3.79 -17.16
N LYS B 568 49.34 4.85 -17.90
CA LYS B 568 50.43 5.77 -17.50
C LYS B 568 49.96 6.92 -16.59
N LYS B 569 48.69 6.90 -16.21
CA LYS B 569 48.03 7.97 -15.44
C LYS B 569 48.31 9.40 -15.92
N ARG B 570 47.97 9.59 -17.19
CA ARG B 570 47.89 10.92 -17.80
C ARG B 570 46.49 11.47 -17.60
N LEU B 571 46.14 11.67 -16.35
CA LEU B 571 44.79 12.05 -15.97
C LEU B 571 44.39 13.36 -16.62
N GLU B 572 45.36 14.24 -16.91
CA GLU B 572 45.08 15.49 -17.63
C GLU B 572 44.40 15.19 -18.95
N LYS B 573 44.93 14.18 -19.66
CA LYS B 573 44.44 13.85 -20.98
C LYS B 573 43.04 13.28 -20.87
N VAL B 574 42.83 12.46 -19.85
CA VAL B 574 41.51 11.89 -19.63
C VAL B 574 40.52 12.99 -19.28
N ALA B 575 40.92 13.86 -18.37
CA ALA B 575 40.08 14.98 -17.96
C ALA B 575 39.64 15.81 -19.17
N GLU B 576 40.62 16.15 -19.99
CA GLU B 576 40.42 17.01 -21.16
C GLU B 576 39.35 16.45 -22.08
N LEU B 577 39.50 15.18 -22.41
CA LEU B 577 38.56 14.51 -23.31
C LEU B 577 37.19 14.34 -22.66
N TRP B 578 37.17 14.03 -21.37
CA TRP B 578 35.90 13.74 -20.70
C TRP B 578 35.06 14.99 -20.67
N VAL B 579 35.69 16.15 -20.45
CA VAL B 579 34.88 17.36 -20.39
C VAL B 579 34.28 17.69 -21.75
N LYS B 580 34.88 17.19 -22.82
CA LYS B 580 34.38 17.48 -24.17
C LYS B 580 33.33 16.48 -24.62
N GLY B 581 33.18 15.40 -23.85
CA GLY B 581 32.05 14.50 -24.02
C GLY B 581 32.44 13.05 -24.16
N LEU B 582 33.73 12.74 -24.12
CA LEU B 582 34.15 11.38 -24.35
C LEU B 582 33.78 10.52 -23.15
N GLN B 583 33.14 9.40 -23.44
CA GLN B 583 32.80 8.44 -22.42
C GLN B 583 34.01 7.64 -21.99
N ILE B 584 34.29 7.70 -20.70
CA ILE B 584 35.45 7.04 -20.12
C ILE B 584 34.97 5.84 -19.31
N ASP B 585 35.66 4.72 -19.45
CA ASP B 585 35.39 3.54 -18.63
C ASP B 585 36.21 3.65 -17.34
N TRP B 586 35.61 4.27 -16.33
CA TRP B 586 36.35 4.66 -15.12
C TRP B 586 37.04 3.49 -14.41
N ASN B 587 36.47 2.29 -14.50
CA ASN B 587 37.08 1.14 -13.84
C ASN B 587 38.53 0.90 -14.27
N LYS B 588 38.86 1.24 -15.51
CA LYS B 588 40.22 1.07 -16.01
C LYS B 588 41.26 1.94 -15.31
N LEU B 589 40.82 2.98 -14.61
CA LEU B 589 41.74 3.77 -13.78
C LEU B 589 42.27 3.01 -12.57
N TYR B 590 41.69 1.86 -12.27
CA TYR B 590 41.95 1.20 -11.01
C TYR B 590 42.41 -0.25 -11.23
N GLY B 591 43.54 -0.59 -10.64
CA GLY B 591 44.07 -1.96 -10.73
C GLY B 591 43.84 -2.78 -9.47
N GLU B 592 44.90 -2.85 -8.67
CA GLU B 592 44.89 -3.55 -7.37
C GLU B 592 43.82 -2.94 -6.45
N TYR B 593 43.94 -1.64 -6.21
CA TYR B 593 43.06 -0.93 -5.33
C TYR B 593 41.86 -0.36 -6.10
N THR B 594 40.64 -0.69 -5.66
CA THR B 594 39.45 0.04 -6.10
C THR B 594 38.85 0.80 -4.92
N PRO B 595 38.63 2.12 -5.06
CA PRO B 595 37.97 2.90 -4.01
C PRO B 595 36.47 2.58 -3.86
N ARG B 596 35.80 3.29 -2.96
CA ARG B 596 34.39 3.05 -2.61
C ARG B 596 33.52 4.28 -2.82
N ARG B 597 32.27 4.07 -3.26
CA ARG B 597 31.27 5.14 -3.28
C ARG B 597 30.93 5.56 -1.86
N ILE B 598 30.89 6.87 -1.65
CA ILE B 598 30.49 7.45 -0.40
C ILE B 598 29.43 8.52 -0.65
N SER B 599 28.87 9.00 0.45
CA SER B 599 27.90 10.07 0.46
C SER B 599 28.56 11.38 0.05
N LEU B 600 27.99 12.05 -0.93
CA LEU B 600 28.44 13.37 -1.31
C LEU B 600 27.20 14.18 -1.55
N PRO B 601 27.33 15.50 -1.55
CA PRO B 601 26.13 16.26 -1.91
C PRO B 601 25.65 15.93 -3.32
N ALA B 602 24.35 16.07 -3.47
CA ALA B 602 23.61 15.58 -4.60
C ALA B 602 23.24 16.79 -5.44
N TYR B 603 22.59 16.55 -6.56
CA TYR B 603 22.37 17.61 -7.55
C TYR B 603 21.72 18.87 -6.95
N PRO B 604 22.33 20.05 -7.17
CA PRO B 604 21.76 21.32 -6.76
C PRO B 604 20.73 21.84 -7.77
N PHE B 605 19.47 21.47 -7.54
CA PHE B 605 18.39 21.83 -8.44
C PHE B 605 18.26 23.33 -8.63
N ALA B 606 17.88 23.73 -9.84
CA ALA B 606 17.52 25.12 -10.09
C ALA B 606 16.50 25.41 -8.99
N GLU B 607 16.24 26.68 -8.78
CA GLU B 607 15.48 27.15 -7.66
C GLU B 607 14.54 28.18 -8.31
N GLU B 608 13.69 27.65 -9.18
CA GLU B 608 12.74 28.40 -9.98
C GLU B 608 11.35 28.29 -9.37
N TYR B 609 10.61 29.40 -9.42
CA TYR B 609 9.32 29.51 -8.75
C TYR B 609 8.18 29.02 -9.67
N TYR B 610 7.29 28.19 -9.12
CA TYR B 610 6.06 27.78 -9.84
C TYR B 610 4.90 27.63 -8.87
N TRP B 611 3.81 28.32 -9.17
CA TRP B 611 2.59 28.22 -8.38
C TRP B 611 1.36 28.29 -9.28
N LEU B 612 0.19 28.39 -8.67
CA LEU B 612 -1.09 28.35 -9.40
C LEU B 612 -1.06 29.34 -10.55
N PRO B 613 -1.39 28.89 -11.76
CA PRO B 613 -1.38 29.81 -12.90
C PRO B 613 -2.28 31.04 -12.68
S SO4 C . -15.30 -31.42 -14.42
O1 SO4 C . -15.22 -31.13 -15.87
O2 SO4 C . -14.90 -30.24 -13.62
O3 SO4 C . -14.37 -32.52 -14.08
O4 SO4 C . -16.70 -31.75 -14.08
S SO4 D . -23.19 -14.61 18.73
O1 SO4 D . -22.41 -14.11 19.88
O2 SO4 D . -22.27 -15.02 17.65
O3 SO4 D . -24.05 -15.74 19.17
O4 SO4 D . -24.06 -13.52 18.22
S SO4 E . -16.87 -33.28 6.46
O1 SO4 E . -15.48 -33.03 6.00
O2 SO4 E . -16.98 -32.87 7.87
O3 SO4 E . -17.81 -32.49 5.63
O4 SO4 E . -17.21 -34.71 6.33
S SO4 F . 32.45 1.32 19.36
O1 SO4 F . 33.59 1.88 18.60
O2 SO4 F . 32.23 2.10 20.60
O3 SO4 F . 31.25 1.36 18.50
O4 SO4 F . 32.75 -0.09 19.72
#